data_6PPO
#
_entry.id   6PPO
#
_cell.length_a   1.00
_cell.length_b   1.00
_cell.length_c   1.00
_cell.angle_alpha   90.00
_cell.angle_beta   90.00
_cell.angle_gamma   90.00
#
_symmetry.space_group_name_H-M   'P 1'
#
loop_
_entity.id
_entity.type
_entity.pdbx_description
1 polymer 'Capsid protein VP1'
2 polymer 'Capsid protein VP3'
3 polymer 'Capsid protein VP2'
4 polymer 'Capsid protein VP4'
5 polymer 'Cadherin-related family member 3'
6 non-polymer 'CALCIUM ION'
#
loop_
_entity_poly.entity_id
_entity_poly.type
_entity_poly.pdbx_seq_one_letter_code
_entity_poly.pdbx_strand_id
1 'polypeptide(L)'
;NNDDPVENFVESTLKEVLVVPDTKPSGPQHTTKPSILGAMEIGASSNATPESTIETRYVYNTNTNAEADVEMFLGRSALW
GKVTLTRQYAKWEINFQEQAHIRKKFEFFTYLRFDMEVTIVTNNKGLMQIMFVPPGIDHPETHDDRKWDSASNPSVFFQP
KSGFPRFTIPFTGLASAYYMFYDGYDKPKGSDNNEYGIAPTNDMGLLCFRTLDNSGGNDVKIYVKPKHITAWVPRPPRAT
QYTHKYSTNYHYKPNSSGPDEHVLKDRHFIKTRPLISSA
;
A
2 'polypeptide(L)'
;GLPTRLPSGSQQFMTTEDEQSPNILPGFHPSKKIHIPGMITNVMHMARVDSFIPINNIQGEVGKVSMYYITVTKKTVTER
ILVLPLEMSNTLFATTLLGEVLNYYANWSGSITITFMCVCDAFSTGKFLVAYTPPGGKLPEDRKQAMLGVHIIWDLGLQS
SCTIVVPWISSGFYRRTKADSFTHGGYVSLWYQTAFVPPVSGGTGSILATCSACPDMSVRMLRDSPMMEQKNELQ
;
B
3 'polypeptide(L)'
;SPSVEACGYSDRLKQITIGNSTITTQDSLHTVLAYGEWPTYLSDIDATSVDKPTHPETSADRFYTLDSVEWQVGSHGWWW
KLPDALKDMGVFGQNMYYHSMGRSGFIIHTQCNATKFHSGALIVAVIPEHQLAYVGGVKVNVGYDHTHPGQSGHQIRGPS
QSNDRSGGKPDEDPLFNCNGTLLGNITIFPHQIINLRTNNSSTIVVPYINCVPMDNMLKHNNLSLVIIPLVPLRPGSSGI
NSVPITVTIAPYKSEFSGAMEAQRQ
;
C
4 'polypeptide(L)' GAQVSRQNNGTHENGVTASNGSVIKYFNINYYKDSASSGLSRQDFSQDPSKFTQPLVDTLTNPALM D
5 'polypeptide(L)'
;MASDYKDDDDKLHLILLPATGNVAENSPPGTSVHKFSVKLSASLSPVIPGFPQIVNSNPLTEAFRVNWLSGTYFEVVTTG
MEQLDFETGPNIFDLQIYVKDEVGVTDLQVLTVQVTDVNEPPGGTKHHHHHH
;
U
#
# COMPACT_ATOMS: atom_id res chain seq x y z
N VAL A 19 3.38 -18.88 -20.18
CA VAL A 19 4.61 -18.13 -20.38
C VAL A 19 4.28 -16.67 -20.67
N VAL A 20 5.30 -15.83 -20.65
CA VAL A 20 5.15 -14.39 -20.88
C VAL A 20 5.04 -14.16 -22.38
N PRO A 21 4.40 -13.08 -22.85
CA PRO A 21 4.30 -12.86 -24.28
C PRO A 21 5.63 -12.48 -24.91
N ASP A 22 5.81 -12.92 -26.16
CA ASP A 22 7.00 -12.61 -26.91
C ASP A 22 7.03 -11.13 -27.29
N THR A 23 8.22 -10.66 -27.63
CA THR A 23 8.38 -9.28 -28.08
C THR A 23 8.03 -9.20 -29.56
N LYS A 24 7.17 -8.32 -29.89
CA LYS A 24 6.83 -8.24 -31.31
C LYS A 24 7.74 -7.24 -32.01
N PRO A 25 8.03 -7.45 -33.29
CA PRO A 25 8.82 -6.48 -34.03
C PRO A 25 8.03 -5.21 -34.31
N SER A 26 8.70 -4.08 -34.20
CA SER A 26 8.07 -2.78 -34.46
C SER A 26 9.07 -1.92 -35.21
N GLY A 27 8.65 -1.36 -36.33
CA GLY A 27 9.48 -0.46 -37.08
C GLY A 27 9.24 0.97 -36.65
N PRO A 28 9.71 1.92 -37.45
CA PRO A 28 9.39 3.33 -37.16
C PRO A 28 7.92 3.61 -37.39
N GLN A 29 7.31 4.31 -36.44
CA GLN A 29 5.90 4.62 -36.51
C GLN A 29 5.69 6.12 -36.33
N HIS A 30 4.81 6.68 -37.16
CA HIS A 30 4.39 8.07 -37.11
C HIS A 30 2.89 8.05 -36.90
N THR A 31 2.47 7.95 -35.65
CA THR A 31 1.05 7.79 -35.33
C THR A 31 0.48 9.10 -34.79
N THR A 32 -0.84 9.22 -34.89
CA THR A 32 -1.56 10.34 -34.31
C THR A 32 -2.34 9.96 -33.06
N LYS A 33 -2.48 8.66 -32.78
CA LYS A 33 -2.94 8.20 -31.48
C LYS A 33 -1.73 7.70 -30.70
N PRO A 34 -1.24 8.45 -29.72
CA PRO A 34 -0.04 8.03 -28.98
C PRO A 34 -0.37 6.88 -28.04
N SER A 35 0.37 5.79 -28.17
CA SER A 35 0.27 4.65 -27.26
C SER A 35 1.13 4.83 -26.01
N ILE A 36 1.70 5.87 -25.64
CA ILE A 36 2.49 6.39 -24.53
C ILE A 36 1.97 7.68 -23.90
N LEU A 37 1.21 8.47 -24.26
CA LEU A 37 0.50 9.46 -23.47
C LEU A 37 -0.74 8.85 -22.85
N GLY A 38 -0.70 8.58 -21.56
CA GLY A 38 -1.87 8.12 -20.84
C GLY A 38 -2.35 9.14 -19.84
N ALA A 39 -3.03 8.68 -18.81
CA ALA A 39 -3.46 9.54 -17.70
C ALA A 39 -3.44 8.72 -16.43
N MET A 40 -2.73 9.19 -15.43
CA MET A 40 -2.67 8.52 -14.13
C MET A 40 -3.98 8.65 -13.37
N GLU A 41 -4.79 9.65 -13.68
CA GLU A 41 -5.96 9.99 -12.88
C GLU A 41 -7.08 8.98 -13.01
N ILE A 42 -7.14 8.20 -14.11
CA ILE A 42 -8.25 7.28 -14.30
C ILE A 42 -8.18 6.04 -13.42
N GLY A 43 -7.09 5.85 -12.69
CA GLY A 43 -6.96 4.69 -11.84
C GLY A 43 -6.66 3.40 -12.58
N ALA A 44 -6.30 3.47 -13.85
CA ALA A 44 -5.91 2.31 -14.64
C ALA A 44 -4.44 2.41 -14.99
N SER A 45 -3.76 1.29 -14.93
CA SER A 45 -2.34 1.26 -15.27
C SER A 45 -2.17 1.25 -16.79
N SER A 46 -0.93 1.45 -17.22
CA SER A 46 -0.65 1.62 -18.64
C SER A 46 -0.68 0.28 -19.37
N ASN A 47 -1.04 0.34 -20.65
CA ASN A 47 -0.93 -0.78 -21.56
C ASN A 47 0.38 -0.77 -22.33
N ALA A 48 1.32 0.08 -21.93
CA ALA A 48 2.50 0.36 -22.74
C ALA A 48 3.49 -0.78 -22.68
N THR A 49 3.77 -1.36 -23.83
CA THR A 49 4.77 -2.37 -24.13
C THR A 49 6.00 -1.68 -24.73
N PRO A 50 7.15 -2.37 -24.83
CA PRO A 50 8.30 -1.75 -25.50
C PRO A 50 8.13 -1.53 -27.00
N GLU A 51 7.07 -2.03 -27.62
CA GLU A 51 6.83 -1.74 -29.02
C GLU A 51 6.34 -0.33 -29.25
N SER A 52 5.86 0.34 -28.21
CA SER A 52 5.39 1.71 -28.36
C SER A 52 6.54 2.71 -28.40
N THR A 53 7.53 2.53 -27.53
CA THR A 53 8.59 3.53 -27.35
C THR A 53 9.73 3.34 -28.35
N ILE A 54 10.21 2.11 -28.55
CA ILE A 54 11.38 1.93 -29.39
C ILE A 54 11.08 1.01 -30.58
N GLU A 55 12.10 0.76 -31.39
CA GLU A 55 12.02 -0.20 -32.49
C GLU A 55 12.54 -1.53 -31.98
N THR A 56 11.64 -2.49 -31.83
CA THR A 56 11.97 -3.76 -31.23
C THR A 56 12.21 -4.83 -32.29
N ARG A 57 12.73 -5.96 -31.85
CA ARG A 57 12.90 -7.16 -32.66
C ARG A 57 12.03 -8.25 -32.08
N TYR A 58 11.86 -9.33 -32.83
CA TYR A 58 11.16 -10.49 -32.28
C TYR A 58 12.09 -11.22 -31.35
N VAL A 59 11.58 -11.56 -30.16
CA VAL A 59 12.34 -12.30 -29.17
C VAL A 59 11.43 -13.40 -28.64
N TYR A 60 11.86 -14.65 -28.80
CA TYR A 60 11.11 -15.76 -28.24
C TYR A 60 11.29 -15.78 -26.73
N ASN A 61 10.22 -15.50 -26.01
CA ASN A 61 10.22 -15.44 -24.55
C ASN A 61 9.62 -16.74 -24.02
N THR A 62 10.47 -17.60 -23.46
CA THR A 62 10.02 -18.83 -22.83
C THR A 62 9.89 -18.69 -21.32
N ASN A 63 10.05 -17.48 -20.80
CA ASN A 63 10.03 -17.25 -19.36
C ASN A 63 8.63 -17.45 -18.80
N THR A 64 8.57 -17.97 -17.57
CA THR A 64 7.32 -18.17 -16.87
C THR A 64 7.34 -17.39 -15.57
N ASN A 65 6.15 -17.19 -15.01
CA ASN A 65 5.99 -16.67 -13.67
C ASN A 65 5.40 -17.73 -12.75
N ALA A 66 5.77 -19.00 -12.98
CA ALA A 66 5.21 -20.11 -12.25
C ALA A 66 5.75 -20.21 -10.82
N GLU A 67 6.76 -19.43 -10.46
CA GLU A 67 7.17 -19.29 -9.08
C GLU A 67 6.59 -18.07 -8.42
N ALA A 68 5.66 -17.39 -9.10
CA ALA A 68 5.07 -16.17 -8.58
C ALA A 68 3.58 -16.26 -8.31
N ASP A 69 2.93 -17.37 -8.70
CA ASP A 69 1.53 -17.53 -8.36
C ASP A 69 1.39 -17.81 -6.87
N VAL A 70 0.16 -17.62 -6.36
CA VAL A 70 -0.11 -17.63 -4.93
C VAL A 70 0.20 -18.98 -4.30
N GLU A 71 -0.04 -20.07 -5.04
CA GLU A 71 0.26 -21.41 -4.55
C GLU A 71 1.77 -21.62 -4.38
N MET A 72 2.59 -21.02 -5.24
CA MET A 72 4.03 -21.10 -5.09
C MET A 72 4.63 -19.96 -4.29
N PHE A 73 3.94 -18.81 -4.23
CA PHE A 73 4.42 -17.70 -3.43
C PHE A 73 4.24 -17.98 -1.94
N LEU A 74 3.10 -18.54 -1.56
CA LEU A 74 2.80 -18.76 -0.15
C LEU A 74 3.02 -20.19 0.32
N GLY A 75 2.94 -21.17 -0.57
CA GLY A 75 3.09 -22.56 -0.17
C GLY A 75 4.53 -22.99 0.00
N ARG A 76 5.18 -22.58 1.09
CA ARG A 76 6.60 -22.84 1.25
C ARG A 76 6.97 -23.50 2.58
N SER A 77 6.05 -23.57 3.54
CA SER A 77 6.28 -24.10 4.89
C SER A 77 7.10 -23.14 5.76
N ALA A 78 6.51 -21.99 6.03
CA ALA A 78 7.12 -21.01 6.91
C ALA A 78 6.96 -21.42 8.37
N LEU A 79 7.85 -20.90 9.21
CA LEU A 79 7.70 -21.05 10.64
C LEU A 79 6.59 -20.13 11.11
N TRP A 80 5.57 -20.68 11.76
CA TRP A 80 4.50 -19.87 12.31
C TRP A 80 4.67 -19.56 13.78
N GLY A 81 5.21 -20.49 14.56
CA GLY A 81 5.35 -20.28 15.98
C GLY A 81 6.42 -21.15 16.58
N LYS A 82 7.09 -20.62 17.59
CA LYS A 82 8.05 -21.35 18.40
C LYS A 82 7.47 -21.50 19.80
N VAL A 83 7.79 -22.61 20.45
CA VAL A 83 7.47 -22.82 21.85
C VAL A 83 8.64 -23.52 22.50
N THR A 84 8.68 -23.44 23.83
CA THR A 84 9.67 -24.13 24.64
C THR A 84 8.95 -24.90 25.72
N LEU A 85 9.22 -26.20 25.79
CA LEU A 85 8.64 -27.05 26.84
C LEU A 85 9.23 -26.65 28.18
N THR A 86 8.38 -26.22 29.10
CA THR A 86 8.86 -25.78 30.41
C THR A 86 8.96 -26.94 31.39
N ARG A 87 7.85 -27.58 31.70
CA ARG A 87 7.85 -28.81 32.48
C ARG A 87 7.11 -29.85 31.67
N GLN A 88 7.82 -30.41 30.68
CA GLN A 88 7.30 -31.41 29.74
C GLN A 88 5.99 -30.97 29.08
N TYR A 89 5.86 -29.68 28.81
CA TYR A 89 4.58 -29.15 28.36
C TYR A 89 4.79 -27.85 27.60
N ALA A 90 4.13 -27.73 26.45
CA ALA A 90 4.07 -26.51 25.69
C ALA A 90 2.66 -26.31 25.18
N LYS A 91 2.35 -25.07 24.80
CA LYS A 91 1.02 -24.72 24.34
C LYS A 91 1.16 -23.60 23.33
N TRP A 92 0.60 -23.79 22.14
CA TRP A 92 0.70 -22.79 21.08
C TRP A 92 -0.66 -22.69 20.39
N GLU A 93 -1.21 -21.48 20.37
CA GLU A 93 -2.44 -21.23 19.64
C GLU A 93 -2.11 -20.89 18.19
N ILE A 94 -2.78 -21.54 17.25
CA ILE A 94 -2.37 -21.53 15.85
C ILE A 94 -2.66 -20.16 15.24
N ASN A 95 -1.61 -19.46 14.85
CA ASN A 95 -1.73 -18.14 14.24
C ASN A 95 -0.46 -17.85 13.45
N PHE A 96 -0.64 -17.12 12.36
CA PHE A 96 0.48 -16.67 11.52
C PHE A 96 1.02 -15.31 11.93
N GLN A 97 0.86 -14.95 13.20
CA GLN A 97 0.99 -13.58 13.65
C GLN A 97 2.24 -13.31 14.47
N GLU A 98 2.94 -14.35 14.93
CA GLU A 98 4.13 -14.12 15.73
C GLU A 98 5.36 -13.87 14.88
N GLN A 99 5.38 -14.38 13.66
CA GLN A 99 6.53 -14.27 12.78
C GLN A 99 6.23 -13.27 11.67
N ALA A 100 7.09 -12.28 11.51
CA ALA A 100 6.78 -11.15 10.64
C ALA A 100 6.93 -11.47 9.18
N HIS A 101 7.80 -12.43 8.83
CA HIS A 101 8.07 -12.70 7.42
C HIS A 101 6.94 -13.43 6.73
N ILE A 102 6.26 -14.33 7.44
CA ILE A 102 5.07 -14.96 6.87
C ILE A 102 3.85 -14.05 7.03
N ARG A 103 3.86 -13.18 8.05
CA ARG A 103 2.73 -12.28 8.25
C ARG A 103 2.68 -11.23 7.16
N LYS A 104 3.83 -10.75 6.68
CA LYS A 104 3.86 -9.80 5.58
C LYS A 104 3.33 -10.42 4.30
N LYS A 105 3.72 -11.66 4.02
CA LYS A 105 3.27 -12.34 2.81
C LYS A 105 1.78 -12.66 2.86
N PHE A 106 1.24 -12.92 4.05
CA PHE A 106 -0.20 -13.10 4.16
C PHE A 106 -0.94 -11.78 4.07
N GLU A 107 -0.36 -10.71 4.61
CA GLU A 107 -0.98 -9.41 4.55
C GLU A 107 -0.71 -8.68 3.24
N PHE A 108 -0.13 -9.37 2.26
CA PHE A 108 -0.30 -8.96 0.87
C PHE A 108 -1.77 -8.98 0.45
N PHE A 109 -2.57 -9.88 1.03
CA PHE A 109 -3.95 -10.09 0.62
C PHE A 109 -4.90 -9.84 1.79
N THR A 110 -6.18 -9.70 1.47
CA THR A 110 -7.21 -9.46 2.49
C THR A 110 -7.87 -10.74 2.95
N TYR A 111 -8.30 -11.59 2.03
CA TYR A 111 -8.92 -12.86 2.38
C TYR A 111 -8.11 -13.99 1.78
N LEU A 112 -7.86 -15.02 2.58
CA LEU A 112 -7.10 -16.19 2.15
C LEU A 112 -7.82 -17.43 2.60
N ARG A 113 -8.07 -18.34 1.67
CA ARG A 113 -8.68 -19.63 1.96
C ARG A 113 -7.64 -20.70 1.66
N PHE A 114 -7.17 -21.37 2.70
CA PHE A 114 -6.11 -22.35 2.50
C PHE A 114 -6.23 -23.49 3.51
N ASP A 115 -6.02 -24.70 3.03
CA ASP A 115 -5.67 -25.79 3.92
C ASP A 115 -4.22 -25.63 4.35
N MET A 116 -3.91 -26.10 5.55
CA MET A 116 -2.56 -25.95 6.06
C MET A 116 -2.06 -27.30 6.57
N GLU A 117 -0.84 -27.64 6.19
CA GLU A 117 -0.16 -28.80 6.75
C GLU A 117 0.88 -28.32 7.76
N VAL A 118 0.95 -29.01 8.88
CA VAL A 118 1.66 -28.56 10.07
C VAL A 118 2.78 -29.55 10.35
N THR A 119 4.03 -29.13 10.16
CA THR A 119 5.18 -29.95 10.48
C THR A 119 5.83 -29.44 11.75
N ILE A 120 6.12 -30.36 12.66
CA ILE A 120 6.67 -30.04 13.98
C ILE A 120 8.13 -30.43 13.99
N VAL A 121 9.01 -29.45 14.16
CA VAL A 121 10.45 -29.69 14.26
C VAL A 121 10.83 -29.48 15.71
N THR A 122 11.03 -30.58 16.44
CA THR A 122 11.43 -30.52 17.82
C THR A 122 12.81 -31.16 17.98
N ASN A 123 13.62 -30.56 18.84
CA ASN A 123 14.91 -31.14 19.17
C ASN A 123 14.85 -32.04 20.39
N ASN A 124 13.65 -32.31 20.90
CA ASN A 124 13.49 -33.26 21.98
C ASN A 124 13.75 -34.67 21.46
N LYS A 125 14.36 -35.48 22.30
CA LYS A 125 14.60 -36.89 22.03
C LYS A 125 13.72 -37.69 22.99
N GLY A 126 12.90 -38.57 22.45
CA GLY A 126 11.99 -39.31 23.30
C GLY A 126 10.67 -39.60 22.63
N LEU A 127 9.57 -39.39 23.35
CA LEU A 127 8.23 -39.66 22.84
C LEU A 127 7.36 -38.45 23.15
N MET A 128 6.93 -37.76 22.11
CA MET A 128 6.14 -36.56 22.27
C MET A 128 4.70 -36.81 21.86
N GLN A 129 3.80 -35.94 22.34
CA GLN A 129 2.41 -35.96 21.95
C GLN A 129 1.99 -34.55 21.57
N ILE A 130 1.36 -34.42 20.41
CA ILE A 130 0.64 -33.21 20.02
C ILE A 130 -0.84 -33.51 20.15
N MET A 131 -1.59 -32.55 20.67
CA MET A 131 -3.04 -32.65 20.72
C MET A 131 -3.62 -31.41 20.10
N PHE A 132 -4.25 -31.56 18.94
CA PHE A 132 -4.95 -30.44 18.30
C PHE A 132 -6.26 -30.26 19.03
N VAL A 133 -6.32 -29.27 19.91
CA VAL A 133 -7.54 -28.95 20.65
C VAL A 133 -8.40 -28.05 19.79
N PRO A 134 -9.58 -28.50 19.36
CA PRO A 134 -10.46 -27.65 18.57
C PRO A 134 -11.05 -26.57 19.45
N PRO A 135 -11.59 -25.49 18.87
CA PRO A 135 -12.09 -24.38 19.69
C PRO A 135 -13.32 -24.77 20.50
N GLY A 136 -13.42 -24.18 21.69
CA GLY A 136 -14.60 -24.33 22.51
C GLY A 136 -14.49 -25.27 23.69
N ILE A 137 -13.29 -25.79 23.96
CA ILE A 137 -13.10 -26.71 25.09
C ILE A 137 -11.81 -26.34 25.81
N ASP A 138 -11.67 -26.88 27.01
CA ASP A 138 -10.50 -26.63 27.82
C ASP A 138 -9.35 -27.51 27.35
N HIS A 139 -8.22 -26.88 27.05
CA HIS A 139 -7.01 -27.58 26.72
C HIS A 139 -6.39 -28.17 27.99
N PRO A 140 -5.53 -29.17 27.86
CA PRO A 140 -4.76 -29.63 29.03
C PRO A 140 -3.82 -28.55 29.53
N GLU A 141 -3.93 -28.21 30.80
CA GLU A 141 -3.14 -27.12 31.36
C GLU A 141 -1.72 -27.53 31.73
N THR A 142 -1.41 -28.82 31.69
CA THR A 142 -0.08 -29.31 31.98
C THR A 142 0.10 -30.68 31.33
N HIS A 143 1.32 -31.19 31.39
CA HIS A 143 1.50 -32.62 31.21
C HIS A 143 0.94 -33.34 32.43
N ASP A 144 0.64 -34.64 32.26
CA ASP A 144 0.05 -35.53 33.27
C ASP A 144 -1.39 -35.13 33.66
N ASP A 145 -1.95 -34.13 32.98
CA ASP A 145 -3.32 -33.70 33.15
C ASP A 145 -4.29 -34.76 32.66
N ARG A 146 -5.53 -34.68 33.16
CA ARG A 146 -6.53 -35.66 32.77
C ARG A 146 -7.05 -35.41 31.36
N LYS A 147 -6.99 -34.16 30.90
CA LYS A 147 -7.54 -33.80 29.60
C LYS A 147 -6.64 -34.22 28.44
N TRP A 148 -5.48 -34.81 28.71
CA TRP A 148 -4.74 -35.49 27.65
C TRP A 148 -5.42 -36.78 27.25
N ASP A 149 -6.06 -37.45 28.20
CA ASP A 149 -6.86 -38.64 27.92
C ASP A 149 -8.18 -38.16 27.34
N SER A 150 -8.28 -38.10 26.03
CA SER A 150 -9.47 -37.60 25.36
C SER A 150 -9.96 -38.62 24.35
N ALA A 151 -11.28 -38.66 24.17
CA ALA A 151 -11.86 -39.63 23.26
C ALA A 151 -11.99 -39.09 21.84
N SER A 152 -12.15 -37.77 21.68
CA SER A 152 -12.48 -37.21 20.38
C SER A 152 -11.51 -36.14 19.90
N ASN A 153 -10.69 -35.58 20.78
CA ASN A 153 -9.69 -34.61 20.35
C ASN A 153 -8.62 -35.31 19.53
N PRO A 154 -8.36 -34.87 18.30
CA PRO A 154 -7.36 -35.54 17.47
C PRO A 154 -5.95 -35.29 18.00
N SER A 155 -5.22 -36.38 18.19
CA SER A 155 -3.94 -36.34 18.86
C SER A 155 -2.92 -37.08 18.02
N VAL A 156 -1.67 -36.63 18.10
CA VAL A 156 -0.58 -37.21 17.32
C VAL A 156 0.51 -37.62 18.30
N PHE A 157 0.80 -38.92 18.34
CA PHE A 157 1.96 -39.42 19.04
C PHE A 157 3.07 -39.67 18.03
N PHE A 158 4.30 -39.30 18.39
CA PHE A 158 5.43 -39.53 17.52
C PHE A 158 6.70 -39.57 18.34
N GLN A 159 7.73 -40.19 17.78
CA GLN A 159 9.08 -40.09 18.30
C GLN A 159 9.84 -39.14 17.39
N PRO A 160 10.48 -38.10 17.91
CA PRO A 160 11.11 -37.12 17.02
C PRO A 160 12.34 -37.64 16.30
N LYS A 161 13.09 -38.54 16.91
CA LYS A 161 14.05 -39.33 16.16
C LYS A 161 13.28 -40.30 15.28
N SER A 162 13.79 -40.54 14.08
CA SER A 162 13.11 -41.27 13.00
C SER A 162 11.75 -40.63 12.67
N GLY A 163 11.83 -39.39 12.17
CA GLY A 163 10.67 -38.77 11.58
C GLY A 163 10.17 -37.50 12.24
N PHE A 164 9.71 -36.56 11.44
CA PHE A 164 8.96 -35.36 11.77
C PHE A 164 7.47 -35.61 11.56
N PRO A 165 6.60 -35.18 12.46
CA PRO A 165 5.17 -35.40 12.26
C PRO A 165 4.58 -34.32 11.36
N ARG A 166 3.54 -34.70 10.64
CA ARG A 166 2.91 -33.79 9.70
C ARG A 166 1.46 -34.17 9.52
N PHE A 167 0.57 -33.18 9.58
CA PHE A 167 -0.85 -33.41 9.41
C PHE A 167 -1.47 -32.18 8.76
N THR A 168 -2.46 -32.42 7.91
CA THR A 168 -3.17 -31.35 7.24
C THR A 168 -4.40 -30.96 8.04
N ILE A 169 -4.45 -29.71 8.47
CA ILE A 169 -5.69 -29.12 8.98
C ILE A 169 -6.41 -28.49 7.80
N PRO A 170 -7.63 -28.91 7.47
CA PRO A 170 -8.33 -28.31 6.33
C PRO A 170 -8.83 -26.90 6.63
N PHE A 171 -9.60 -26.32 5.71
CA PHE A 171 -10.03 -24.94 5.90
C PHE A 171 -11.17 -24.91 6.93
N THR A 172 -10.84 -24.48 8.14
CA THR A 172 -11.79 -24.32 9.24
C THR A 172 -12.04 -22.83 9.40
N GLY A 173 -13.07 -22.31 8.73
CA GLY A 173 -13.13 -20.88 8.57
C GLY A 173 -14.30 -20.10 9.16
N LEU A 174 -15.48 -20.72 9.26
CA LEU A 174 -16.79 -20.07 9.49
C LEU A 174 -17.12 -19.01 8.45
N ALA A 175 -16.49 -19.07 7.29
CA ALA A 175 -16.65 -18.08 6.24
C ALA A 175 -16.13 -18.71 4.96
N SER A 176 -16.13 -17.94 3.89
CA SER A 176 -15.53 -18.45 2.67
C SER A 176 -14.02 -18.30 2.65
N ALA A 177 -13.45 -17.56 3.59
CA ALA A 177 -12.02 -17.31 3.65
C ALA A 177 -11.65 -16.84 5.05
N TYR A 178 -10.36 -16.88 5.35
CA TYR A 178 -9.85 -16.27 6.56
C TYR A 178 -9.70 -14.77 6.37
N TYR A 179 -9.95 -14.01 7.42
CA TYR A 179 -9.72 -12.58 7.41
C TYR A 179 -8.26 -12.31 7.74
N MET A 180 -7.52 -11.74 6.80
CA MET A 180 -6.22 -11.19 7.16
C MET A 180 -6.38 -9.83 7.81
N PHE A 181 -7.39 -9.08 7.40
CA PHE A 181 -7.76 -7.81 8.00
C PHE A 181 -9.25 -7.77 8.21
N TYR A 182 -9.67 -7.24 9.36
CA TYR A 182 -11.07 -7.07 9.68
C TYR A 182 -11.25 -5.66 10.22
N ASP A 183 -12.14 -4.90 9.59
CA ASP A 183 -12.45 -3.54 10.01
C ASP A 183 -13.63 -3.50 10.97
N GLY A 184 -13.84 -4.55 11.74
CA GLY A 184 -15.02 -4.60 12.55
C GLY A 184 -14.77 -5.02 13.99
N TYR A 185 -15.86 -5.20 14.72
CA TYR A 185 -15.81 -5.53 16.14
C TYR A 185 -16.73 -6.73 16.35
N ASP A 186 -16.47 -7.49 17.41
CA ASP A 186 -17.30 -8.65 17.68
C ASP A 186 -18.55 -8.31 18.46
N LYS A 187 -18.58 -7.16 19.13
CA LYS A 187 -19.68 -6.77 20.00
C LYS A 187 -20.31 -5.47 19.50
N PRO A 188 -21.56 -5.20 19.89
CA PRO A 188 -22.19 -3.92 19.51
C PRO A 188 -21.60 -2.67 20.16
N LYS A 189 -22.26 -1.54 19.91
CA LYS A 189 -21.68 -0.23 20.17
C LYS A 189 -21.53 0.05 21.66
N GLY A 190 -22.47 -0.40 22.48
CA GLY A 190 -22.42 -0.07 23.89
C GLY A 190 -21.41 -0.86 24.69
N SER A 191 -20.77 -1.86 24.09
CA SER A 191 -19.91 -2.76 24.83
C SER A 191 -18.59 -2.10 25.19
N ASP A 192 -17.86 -2.74 26.10
CA ASP A 192 -16.61 -2.21 26.63
C ASP A 192 -15.39 -3.07 26.36
N ASN A 193 -15.56 -4.38 26.20
CA ASN A 193 -14.46 -5.29 25.91
C ASN A 193 -14.40 -5.61 24.42
N ASN A 194 -14.68 -4.62 23.58
CA ASN A 194 -14.72 -4.78 22.14
C ASN A 194 -13.34 -5.16 21.60
N GLU A 195 -13.34 -5.94 20.53
CA GLU A 195 -12.11 -6.50 19.99
C GLU A 195 -12.01 -6.18 18.50
N TYR A 196 -11.21 -5.18 18.18
CA TYR A 196 -10.94 -4.83 16.79
C TYR A 196 -10.08 -5.88 16.13
N GLY A 197 -10.24 -6.04 14.82
CA GLY A 197 -9.35 -6.86 14.04
C GLY A 197 -9.85 -8.27 13.85
N ILE A 198 -8.91 -9.16 13.53
CA ILE A 198 -9.22 -10.53 13.14
C ILE A 198 -9.13 -11.47 14.32
N ALA A 199 -8.97 -10.96 15.54
CA ALA A 199 -8.95 -11.81 16.72
C ALA A 199 -10.23 -12.61 16.97
N PRO A 200 -11.47 -12.05 16.86
CA PRO A 200 -12.62 -12.92 17.10
C PRO A 200 -13.12 -13.67 15.87
N THR A 201 -12.69 -13.27 14.67
CA THR A 201 -13.32 -13.78 13.45
C THR A 201 -13.00 -15.24 13.19
N ASN A 202 -11.83 -15.69 13.63
CA ASN A 202 -11.41 -17.07 13.36
C ASN A 202 -10.35 -17.46 14.37
N ASP A 203 -10.52 -18.63 14.97
CA ASP A 203 -9.46 -19.25 15.76
C ASP A 203 -9.23 -20.66 15.22
N MET A 204 -7.97 -20.97 14.92
CA MET A 204 -7.61 -22.24 14.33
C MET A 204 -7.31 -23.31 15.38
N GLY A 205 -7.89 -23.19 16.57
CA GLY A 205 -7.60 -24.12 17.62
C GLY A 205 -6.25 -23.83 18.25
N LEU A 206 -5.70 -24.86 18.89
CA LEU A 206 -4.36 -24.77 19.45
C LEU A 206 -3.74 -26.15 19.46
N LEU A 207 -2.42 -26.19 19.55
CA LEU A 207 -1.65 -27.43 19.63
C LEU A 207 -1.03 -27.51 21.01
N CYS A 208 -1.31 -28.59 21.71
CA CYS A 208 -0.76 -28.80 23.05
C CYS A 208 0.32 -29.87 22.97
N PHE A 209 1.53 -29.52 23.36
CA PHE A 209 2.67 -30.41 23.26
C PHE A 209 3.02 -30.94 24.65
N ARG A 210 3.38 -32.22 24.71
CA ARG A 210 3.94 -32.78 25.93
C ARG A 210 4.92 -33.88 25.55
N THR A 211 5.82 -34.17 26.48
CA THR A 211 6.76 -35.26 26.31
C THR A 211 6.44 -36.34 27.34
N LEU A 212 6.45 -37.58 26.88
CA LEU A 212 6.30 -38.73 27.77
C LEU A 212 7.64 -39.31 28.19
N ASP A 213 8.73 -38.78 27.65
CA ASP A 213 10.09 -39.06 28.06
C ASP A 213 10.72 -37.76 28.57
N ASN A 214 12.02 -37.81 28.88
CA ASN A 214 12.67 -36.65 29.46
C ASN A 214 13.96 -36.24 28.76
N SER A 215 14.41 -37.01 27.77
CA SER A 215 15.81 -37.09 27.38
C SER A 215 16.31 -35.78 26.73
N GLY A 216 15.74 -35.42 25.60
CA GLY A 216 16.33 -34.40 24.76
C GLY A 216 16.05 -32.97 25.18
N GLY A 217 16.00 -32.08 24.18
CA GLY A 217 15.85 -30.66 24.42
C GLY A 217 14.39 -30.27 24.59
N ASN A 218 14.16 -28.95 24.55
CA ASN A 218 12.86 -28.39 24.84
C ASN A 218 12.29 -27.55 23.71
N ASP A 219 13.02 -27.35 22.62
CA ASP A 219 12.63 -26.40 21.59
C ASP A 219 11.72 -27.07 20.57
N VAL A 220 10.52 -26.53 20.40
CA VAL A 220 9.55 -27.04 19.45
C VAL A 220 9.26 -25.93 18.45
N LYS A 221 9.48 -26.22 17.17
CA LYS A 221 9.22 -25.27 16.09
C LYS A 221 8.09 -25.83 15.22
N ILE A 222 7.17 -24.95 14.84
CA ILE A 222 5.96 -25.34 14.13
C ILE A 222 5.98 -24.72 12.75
N TYR A 223 6.24 -25.55 11.73
CA TYR A 223 6.37 -25.10 10.35
C TYR A 223 5.10 -25.43 9.60
N VAL A 224 4.36 -24.39 9.19
CA VAL A 224 3.03 -24.53 8.63
C VAL A 224 3.04 -24.09 7.18
N LYS A 225 2.55 -24.95 6.29
CA LYS A 225 2.54 -24.71 4.85
C LYS A 225 1.12 -24.52 4.36
N PRO A 226 0.77 -23.36 3.83
CA PRO A 226 -0.58 -23.18 3.29
C PRO A 226 -0.68 -23.80 1.91
N LYS A 227 -1.68 -24.65 1.71
CA LYS A 227 -1.89 -25.25 0.41
C LYS A 227 -3.35 -25.11 0.01
N HIS A 228 -3.60 -25.27 -1.29
CA HIS A 228 -4.88 -25.01 -1.94
C HIS A 228 -5.36 -23.59 -1.64
N ILE A 229 -4.48 -22.64 -1.92
CA ILE A 229 -4.64 -21.25 -1.52
C ILE A 229 -5.48 -20.51 -2.55
N THR A 230 -6.36 -19.64 -2.08
CA THR A 230 -7.14 -18.77 -2.93
C THR A 230 -7.11 -17.38 -2.30
N ALA A 231 -6.42 -16.45 -2.94
CA ALA A 231 -6.23 -15.11 -2.42
C ALA A 231 -7.21 -14.16 -3.07
N TRP A 232 -7.80 -13.27 -2.27
CA TRP A 232 -9.04 -12.67 -2.73
C TRP A 232 -9.02 -11.17 -2.95
N VAL A 233 -8.35 -10.37 -2.12
CA VAL A 233 -8.26 -8.94 -2.42
C VAL A 233 -6.84 -8.48 -2.14
N PRO A 234 -6.11 -7.99 -3.14
CA PRO A 234 -4.72 -7.56 -2.91
C PRO A 234 -4.65 -6.28 -2.10
N ARG A 235 -3.56 -6.15 -1.35
CA ARG A 235 -3.33 -5.06 -0.42
C ARG A 235 -1.90 -4.59 -0.62
N PRO A 236 -1.56 -3.38 -0.15
CA PRO A 236 -0.18 -2.96 -0.19
C PRO A 236 0.66 -3.81 0.74
N PRO A 237 1.86 -4.19 0.31
CA PRO A 237 2.80 -4.82 1.22
C PRO A 237 3.15 -3.87 2.34
N ARG A 238 3.37 -4.42 3.52
CA ARG A 238 3.59 -3.59 4.70
C ARG A 238 4.98 -2.97 4.64
N ALA A 239 5.05 -1.67 4.90
CA ALA A 239 6.31 -0.94 4.88
C ALA A 239 6.78 -0.54 6.26
N THR A 240 6.30 -1.21 7.29
CA THR A 240 6.74 -0.95 8.65
C THR A 240 6.85 -2.26 9.41
N GLN A 241 7.69 -2.27 10.44
CA GLN A 241 7.80 -3.45 11.26
C GLN A 241 6.58 -3.58 12.17
N TYR A 242 6.21 -4.83 12.45
CA TYR A 242 5.08 -5.10 13.32
C TYR A 242 5.45 -4.81 14.77
N THR A 243 4.46 -4.39 15.54
CA THR A 243 4.65 -4.15 16.97
C THR A 243 3.96 -5.21 17.80
N HIS A 244 2.68 -5.49 17.52
CA HIS A 244 1.95 -6.53 18.24
C HIS A 244 1.35 -7.52 17.27
N LYS A 245 0.52 -8.43 17.76
CA LYS A 245 -0.17 -9.36 16.88
C LYS A 245 -1.68 -9.16 17.05
N TYR A 246 -2.40 -9.49 15.97
CA TYR A 246 -3.83 -9.16 15.77
C TYR A 246 -4.09 -7.67 15.89
N SER A 247 -2.92 -6.80 15.60
CA SER A 247 -3.19 -5.43 16.01
C SER A 247 -2.99 -4.34 14.99
N THR A 248 -2.11 -4.75 13.90
CA THR A 248 -1.70 -3.91 12.75
C THR A 248 -1.10 -2.54 13.13
N ASN A 249 -0.60 -2.39 14.36
CA ASN A 249 0.06 -1.17 14.76
C ASN A 249 1.47 -1.12 14.18
N TYR A 250 2.00 0.01 14.18
CA TYR A 250 3.40 0.13 13.78
C TYR A 250 4.20 1.19 14.52
N HIS A 251 3.67 1.96 15.49
CA HIS A 251 4.43 2.86 16.36
C HIS A 251 5.10 2.04 17.45
N TYR A 252 6.37 1.75 17.28
CA TYR A 252 7.11 0.98 18.27
C TYR A 252 7.48 1.88 19.43
N LYS A 253 7.11 1.48 20.63
CA LYS A 253 7.47 2.17 21.85
C LYS A 253 8.68 1.46 22.46
N PRO A 254 9.91 1.95 22.19
CA PRO A 254 11.10 1.14 22.48
C PRO A 254 11.47 1.02 23.95
N ASN A 255 11.42 2.13 24.69
CA ASN A 255 11.90 2.17 26.07
C ASN A 255 10.72 2.53 26.96
N SER A 256 10.36 1.64 27.88
CA SER A 256 9.30 1.93 28.83
C SER A 256 9.82 2.54 30.12
N SER A 257 11.04 2.23 30.53
CA SER A 257 11.55 2.65 31.82
C SER A 257 11.97 4.12 31.81
N GLY A 258 12.95 4.46 30.99
CA GLY A 258 13.59 5.75 31.01
C GLY A 258 12.68 6.89 30.60
N PRO A 259 13.04 8.13 30.96
CA PRO A 259 12.15 9.27 30.68
C PRO A 259 12.30 9.83 29.28
N ASP A 260 12.41 8.93 28.30
CA ASP A 260 12.08 9.18 26.91
C ASP A 260 10.96 8.24 26.44
N GLU A 261 10.10 7.87 27.39
CA GLU A 261 9.21 6.72 27.31
C GLU A 261 8.13 6.89 26.25
N HIS A 262 7.55 8.09 26.17
CA HIS A 262 6.38 8.29 25.32
C HIS A 262 6.74 8.66 23.90
N VAL A 263 7.99 8.42 23.49
CA VAL A 263 8.42 8.59 22.10
C VAL A 263 8.15 7.28 21.39
N LEU A 264 7.91 7.35 20.09
CA LEU A 264 7.47 6.21 19.29
C LEU A 264 8.26 6.18 18.01
N LYS A 265 9.11 5.16 17.85
CA LYS A 265 9.80 4.98 16.59
C LYS A 265 8.83 4.51 15.52
N ASP A 266 9.25 4.66 14.27
CA ASP A 266 8.41 4.34 13.13
C ASP A 266 8.72 2.97 12.53
N ARG A 267 10.02 2.67 12.41
CA ARG A 267 10.54 1.38 11.94
C ARG A 267 10.06 1.03 10.53
N HIS A 268 10.34 1.92 9.59
CA HIS A 268 10.03 1.69 8.20
C HIS A 268 11.31 1.34 7.43
N PHE A 269 11.15 1.06 6.14
CA PHE A 269 12.26 0.59 5.32
C PHE A 269 12.61 1.55 4.19
N ILE A 270 12.08 2.75 4.19
CA ILE A 270 12.39 3.73 3.16
C ILE A 270 13.76 4.32 3.48
N LYS A 271 14.76 3.99 2.67
CA LYS A 271 16.08 4.56 2.83
C LYS A 271 16.18 5.89 2.10
N THR A 272 17.14 6.70 2.49
CA THR A 272 17.31 8.03 1.92
C THR A 272 18.55 8.07 1.04
N ARG A 273 18.51 8.94 0.05
CA ARG A 273 19.64 9.23 -0.81
C ARG A 273 20.10 10.67 -0.57
N PRO A 274 21.39 10.99 -0.76
CA PRO A 274 21.88 12.31 -0.34
C PRO A 274 21.38 13.45 -1.20
N LEU A 275 21.02 13.18 -2.44
CA LEU A 275 20.64 14.21 -3.39
C LEU A 275 19.88 13.55 -4.51
N ILE A 276 18.68 14.05 -4.83
CA ILE A 276 18.03 13.59 -6.03
C ILE A 276 18.78 14.13 -7.24
N SER A 277 18.58 13.47 -8.38
CA SER A 277 19.28 13.75 -9.64
C SER A 277 20.79 13.62 -9.51
N SER A 278 21.33 12.96 -8.70
CA SER A 278 22.66 12.41 -8.59
C SER A 278 22.68 10.92 -8.29
N ALA A 279 21.91 10.11 -8.21
CA ALA A 279 22.08 8.70 -7.90
C ALA A 279 22.63 7.93 -9.09
N GLY B 1 9.16 -59.17 1.42
CA GLY B 1 8.29 -58.26 0.73
C GLY B 1 8.90 -57.67 -0.53
N LEU B 2 8.28 -56.62 -1.06
CA LEU B 2 8.77 -56.00 -2.28
C LEU B 2 10.06 -55.24 -2.00
N PRO B 3 11.14 -55.50 -2.73
CA PRO B 3 12.41 -54.83 -2.44
C PRO B 3 12.40 -53.34 -2.72
N THR B 4 12.59 -52.55 -1.68
CA THR B 4 12.64 -51.10 -1.79
C THR B 4 14.00 -50.60 -1.34
N ARG B 5 14.28 -49.34 -1.67
CA ARG B 5 15.49 -48.68 -1.20
C ARG B 5 15.14 -47.25 -0.80
N LEU B 6 15.84 -46.75 0.21
CA LEU B 6 15.64 -45.39 0.71
C LEU B 6 16.88 -44.58 0.40
N PRO B 7 16.95 -43.95 -0.78
CA PRO B 7 18.15 -43.17 -1.13
C PRO B 7 18.24 -41.87 -0.34
N SER B 8 19.30 -41.10 -0.57
CA SER B 8 19.50 -39.88 0.17
C SER B 8 18.45 -38.84 -0.21
N GLY B 9 17.92 -38.17 0.80
CA GLY B 9 16.81 -37.27 0.56
C GLY B 9 15.46 -37.91 0.73
N SER B 10 15.34 -38.91 1.60
CA SER B 10 14.08 -39.58 1.88
C SER B 10 13.51 -39.19 3.24
N GLN B 11 14.32 -39.26 4.29
CA GLN B 11 13.90 -38.90 5.64
C GLN B 11 14.24 -37.46 5.98
N GLN B 12 14.16 -36.57 5.00
CA GLN B 12 14.50 -35.17 5.14
C GLN B 12 13.24 -34.32 5.08
N PHE B 13 13.20 -33.27 5.89
CA PHE B 13 12.11 -32.29 5.85
C PHE B 13 12.66 -31.05 5.14
N MET B 14 12.40 -30.96 3.85
CA MET B 14 12.61 -29.74 3.10
C MET B 14 11.34 -28.91 3.19
N THR B 15 11.50 -27.61 3.40
CA THR B 15 10.32 -26.77 3.54
C THR B 15 9.62 -26.56 2.21
N THR B 16 10.37 -26.43 1.12
CA THR B 16 9.80 -26.04 -0.16
C THR B 16 9.40 -27.25 -1.01
N GLU B 17 9.44 -28.44 -0.44
CA GLU B 17 9.02 -29.65 -1.14
C GLU B 17 7.50 -29.72 -1.24
N ASP B 18 7.02 -30.64 -2.07
CA ASP B 18 5.59 -30.83 -2.32
C ASP B 18 5.25 -32.28 -1.99
N GLU B 19 4.60 -32.49 -0.85
CA GLU B 19 4.23 -33.82 -0.40
C GLU B 19 2.78 -33.83 0.03
N GLN B 20 2.20 -35.02 0.06
CA GLN B 20 0.89 -35.23 0.66
C GLN B 20 1.03 -35.55 2.14
N SER B 21 0.00 -35.21 2.89
CA SER B 21 0.02 -35.29 4.35
C SER B 21 -1.30 -35.83 4.84
N PRO B 22 -1.30 -36.59 5.94
CA PRO B 22 -2.56 -37.17 6.43
C PRO B 22 -3.48 -36.11 7.01
N ASN B 23 -4.71 -36.11 6.51
CA ASN B 23 -5.72 -35.14 6.94
C ASN B 23 -6.12 -35.42 8.38
N ILE B 24 -5.68 -34.56 9.30
CA ILE B 24 -6.33 -34.51 10.60
C ILE B 24 -7.73 -33.97 10.40
N LEU B 25 -8.63 -34.31 11.35
CA LEU B 25 -10.07 -34.09 11.28
C LEU B 25 -10.83 -34.65 10.08
N PRO B 26 -10.80 -35.95 9.84
CA PRO B 26 -11.41 -36.48 8.62
C PRO B 26 -12.92 -36.39 8.69
N GLY B 27 -13.53 -36.32 7.51
CA GLY B 27 -14.95 -36.05 7.42
C GLY B 27 -15.30 -34.58 7.59
N PHE B 28 -14.30 -33.71 7.73
CA PHE B 28 -14.54 -32.29 7.88
C PHE B 28 -15.01 -31.71 6.56
N HIS B 29 -16.18 -31.11 6.57
CA HIS B 29 -16.70 -30.42 5.40
C HIS B 29 -16.40 -28.94 5.54
N PRO B 30 -15.57 -28.35 4.68
CA PRO B 30 -15.29 -26.92 4.78
C PRO B 30 -16.50 -26.09 4.39
N SER B 31 -16.48 -24.83 4.83
CA SER B 31 -17.54 -23.92 4.44
C SER B 31 -17.45 -23.58 2.96
N LYS B 32 -18.59 -23.26 2.38
CA LYS B 32 -18.69 -23.18 0.93
C LYS B 32 -17.96 -21.95 0.40
N LYS B 33 -17.56 -22.03 -0.86
CA LYS B 33 -16.76 -21.01 -1.50
C LYS B 33 -17.70 -20.12 -2.31
N ILE B 34 -17.79 -18.86 -1.91
CA ILE B 34 -18.65 -17.92 -2.59
C ILE B 34 -17.80 -17.05 -3.51
N HIS B 35 -18.46 -16.31 -4.39
CA HIS B 35 -17.76 -15.41 -5.30
C HIS B 35 -17.45 -14.12 -4.56
N ILE B 36 -16.18 -13.97 -4.18
CA ILE B 36 -15.67 -12.73 -3.59
C ILE B 36 -14.95 -11.97 -4.70
N PRO B 37 -15.26 -10.69 -4.91
CA PRO B 37 -14.67 -9.98 -6.05
C PRO B 37 -13.19 -9.68 -5.84
N GLY B 38 -12.43 -9.88 -6.90
CA GLY B 38 -11.05 -9.43 -6.96
C GLY B 38 -9.99 -10.48 -6.85
N MET B 39 -10.30 -11.74 -7.14
CA MET B 39 -9.42 -12.86 -6.85
C MET B 39 -8.10 -12.76 -7.61
N ILE B 40 -7.01 -12.86 -6.88
CA ILE B 40 -5.67 -12.72 -7.44
C ILE B 40 -4.99 -14.08 -7.44
N THR B 41 -4.50 -14.49 -8.60
CA THR B 41 -3.87 -15.80 -8.75
C THR B 41 -2.37 -15.74 -8.90
N ASN B 42 -1.80 -14.58 -9.18
CA ASN B 42 -0.38 -14.42 -9.47
C ASN B 42 0.03 -13.07 -8.93
N VAL B 43 1.10 -13.04 -8.13
CA VAL B 43 1.54 -11.79 -7.50
C VAL B 43 2.17 -10.82 -8.50
N MET B 44 2.46 -11.27 -9.72
CA MET B 44 2.87 -10.36 -10.77
C MET B 44 1.74 -9.43 -11.19
N HIS B 45 0.49 -9.86 -11.02
CA HIS B 45 -0.64 -8.96 -11.27
C HIS B 45 -0.69 -7.84 -10.24
N MET B 46 -0.18 -8.07 -9.04
CA MET B 46 0.08 -6.96 -8.12
C MET B 46 1.26 -6.13 -8.58
N ALA B 47 2.29 -6.78 -9.15
CA ALA B 47 3.45 -6.05 -9.61
C ALA B 47 3.19 -5.19 -10.84
N ARG B 48 2.14 -5.48 -11.60
CA ARG B 48 1.84 -4.76 -12.83
C ARG B 48 0.99 -3.53 -12.62
N VAL B 49 0.66 -3.19 -11.38
CA VAL B 49 -0.14 -2.02 -11.08
C VAL B 49 0.79 -0.84 -10.87
N ASP B 50 0.42 0.31 -11.45
CA ASP B 50 1.16 1.54 -11.23
C ASP B 50 1.18 1.92 -9.76
N SER B 51 2.37 2.13 -9.22
CA SER B 51 2.53 2.51 -7.82
C SER B 51 3.58 3.59 -7.72
N PHE B 52 3.33 4.56 -6.85
CA PHE B 52 4.14 5.79 -6.82
C PHE B 52 5.55 5.53 -6.32
N ILE B 53 6.52 6.00 -7.09
CA ILE B 53 7.93 5.95 -6.66
C ILE B 53 8.18 7.09 -5.69
N PRO B 54 8.76 6.85 -4.53
CA PRO B 54 9.13 7.95 -3.64
C PRO B 54 10.35 8.71 -4.14
N ILE B 55 10.16 9.53 -5.18
CA ILE B 55 11.30 10.12 -5.89
C ILE B 55 11.99 11.23 -5.14
N ASN B 56 11.47 11.66 -4.00
CA ASN B 56 12.09 12.71 -3.21
C ASN B 56 12.63 12.24 -1.88
N ASN B 57 13.11 11.00 -1.82
CA ASN B 57 13.50 10.36 -0.56
C ASN B 57 14.79 11.16 -0.45
N ILE B 58 14.73 12.19 0.38
CA ILE B 58 15.85 12.83 1.04
C ILE B 58 15.55 12.85 2.53
N GLN B 59 16.53 13.27 3.33
CA GLN B 59 16.47 13.01 4.77
C GLN B 59 15.47 13.87 5.51
N GLY B 60 14.79 14.80 4.85
CA GLY B 60 13.72 15.52 5.50
C GLY B 60 12.35 15.04 5.09
N GLU B 61 12.22 14.61 3.83
CA GLU B 61 10.92 14.32 3.25
C GLU B 61 10.43 12.91 3.50
N VAL B 62 11.31 11.98 3.89
CA VAL B 62 10.86 10.63 4.21
C VAL B 62 10.08 10.67 5.52
N GLY B 63 9.02 9.89 5.60
CA GLY B 63 8.07 10.06 6.66
C GLY B 63 7.00 11.08 6.37
N LYS B 64 7.01 11.70 5.19
CA LYS B 64 6.02 12.67 4.80
C LYS B 64 5.50 12.35 3.41
N VAL B 65 4.34 12.92 3.08
CA VAL B 65 3.72 12.69 1.79
C VAL B 65 4.50 13.40 0.69
N SER B 66 5.28 14.41 1.05
CA SER B 66 6.03 15.21 0.09
C SER B 66 7.31 14.56 -0.38
N MET B 67 7.49 13.27 -0.14
CA MET B 67 8.59 12.51 -0.72
C MET B 67 8.21 11.87 -2.04
N TYR B 68 6.96 12.00 -2.46
CA TYR B 68 6.50 11.40 -3.70
C TYR B 68 6.55 12.34 -4.89
N TYR B 69 6.90 13.60 -4.69
CA TYR B 69 6.98 14.53 -5.80
C TYR B 69 8.20 15.42 -5.66
N ILE B 70 8.68 15.89 -6.79
CA ILE B 70 9.72 16.91 -6.86
C ILE B 70 9.09 18.15 -7.45
N THR B 71 9.72 19.28 -7.19
CA THR B 71 9.20 20.58 -7.63
C THR B 71 10.06 21.12 -8.75
N VAL B 72 9.42 21.49 -9.86
CA VAL B 72 10.11 22.01 -11.03
C VAL B 72 9.77 23.48 -11.18
N THR B 73 10.60 24.19 -11.95
CA THR B 73 10.46 25.62 -12.12
C THR B 73 10.95 26.02 -13.50
N LYS B 74 10.80 27.31 -13.80
CA LYS B 74 11.29 27.88 -15.05
C LYS B 74 12.78 28.19 -14.88
N LYS B 75 13.61 27.47 -15.62
CA LYS B 75 15.04 27.69 -15.62
C LYS B 75 15.51 28.09 -17.01
N THR B 76 16.69 28.68 -17.07
CA THR B 76 17.26 29.04 -18.36
C THR B 76 17.99 27.85 -18.99
N VAL B 77 18.90 27.24 -18.25
CA VAL B 77 19.71 26.14 -18.76
C VAL B 77 19.06 24.82 -18.39
N THR B 78 19.39 23.78 -19.14
CA THR B 78 18.87 22.45 -18.87
C THR B 78 19.57 21.82 -17.67
N GLU B 79 18.78 21.37 -16.70
CA GLU B 79 19.26 20.73 -15.50
C GLU B 79 18.73 19.31 -15.44
N ARG B 80 19.54 18.38 -14.94
CA ARG B 80 19.05 17.06 -14.59
C ARG B 80 18.13 17.17 -13.39
N ILE B 81 16.87 16.80 -13.57
CA ILE B 81 15.88 17.03 -12.53
C ILE B 81 15.80 15.88 -11.54
N LEU B 82 15.99 14.66 -12.03
CA LEU B 82 15.70 13.47 -11.24
C LEU B 82 16.41 12.29 -11.86
N VAL B 83 17.01 11.44 -11.02
CA VAL B 83 17.65 10.21 -11.45
C VAL B 83 17.05 9.05 -10.67
N LEU B 84 16.51 8.08 -11.39
CA LEU B 84 16.10 6.81 -10.80
C LEU B 84 17.05 5.74 -11.28
N PRO B 85 17.95 5.23 -10.45
CA PRO B 85 18.77 4.09 -10.87
C PRO B 85 17.92 2.83 -10.94
N LEU B 86 18.03 2.12 -12.07
CA LEU B 86 17.17 0.97 -12.35
C LEU B 86 17.62 -0.23 -11.54
N GLU B 87 17.33 -0.16 -10.23
CA GLU B 87 17.64 -1.22 -9.28
C GLU B 87 16.37 -1.57 -8.54
N MET B 88 16.08 -2.87 -8.41
CA MET B 88 14.96 -3.28 -7.58
C MET B 88 15.32 -3.38 -6.12
N SER B 89 16.58 -3.18 -5.77
CA SER B 89 17.00 -3.08 -4.38
C SER B 89 17.16 -1.65 -3.92
N ASN B 90 17.13 -0.69 -4.84
CA ASN B 90 17.13 0.71 -4.47
C ASN B 90 15.80 1.05 -3.82
N THR B 91 15.84 1.92 -2.81
CA THR B 91 14.65 2.27 -2.05
C THR B 91 13.62 3.05 -2.86
N LEU B 92 13.99 3.57 -4.03
CA LEU B 92 13.02 4.17 -4.93
C LEU B 92 12.06 3.10 -5.46
N PHE B 93 12.60 2.02 -5.98
CA PHE B 93 11.74 0.99 -6.56
C PHE B 93 11.26 -0.03 -5.55
N ALA B 94 12.10 -0.38 -4.57
CA ALA B 94 11.81 -1.50 -3.68
C ALA B 94 10.64 -1.25 -2.73
N THR B 95 10.20 0.00 -2.58
CA THR B 95 9.06 0.30 -1.74
C THR B 95 7.76 0.38 -2.52
N THR B 96 7.81 0.23 -3.84
CA THR B 96 6.60 0.25 -4.66
C THR B 96 5.97 -1.14 -4.69
N LEU B 97 4.89 -1.30 -5.44
CA LEU B 97 4.28 -2.62 -5.59
C LEU B 97 5.17 -3.54 -6.43
N LEU B 98 5.67 -3.01 -7.55
CA LEU B 98 6.57 -3.75 -8.43
C LEU B 98 7.84 -4.15 -7.71
N GLY B 99 8.42 -3.22 -6.96
CA GLY B 99 9.67 -3.52 -6.28
C GLY B 99 9.50 -4.40 -5.07
N GLU B 100 8.41 -4.26 -4.33
CA GLU B 100 8.23 -5.15 -3.19
C GLU B 100 7.73 -6.52 -3.60
N VAL B 101 7.23 -6.68 -4.82
CA VAL B 101 7.05 -8.04 -5.33
C VAL B 101 8.37 -8.59 -5.83
N LEU B 102 9.14 -7.80 -6.58
CA LEU B 102 10.39 -8.27 -7.17
C LEU B 102 11.51 -8.44 -6.17
N ASN B 103 11.37 -7.88 -4.96
CA ASN B 103 12.36 -8.09 -3.92
C ASN B 103 12.23 -9.43 -3.24
N TYR B 104 11.15 -10.17 -3.51
CA TYR B 104 11.04 -11.54 -3.03
C TYR B 104 11.78 -12.53 -3.92
N TYR B 105 12.23 -12.11 -5.09
CA TYR B 105 12.79 -13.00 -6.09
C TYR B 105 14.21 -12.55 -6.41
N ALA B 106 15.11 -13.52 -6.51
CA ALA B 106 16.52 -13.19 -6.66
C ALA B 106 16.85 -12.67 -8.04
N ASN B 107 16.07 -13.03 -9.05
CA ASN B 107 16.28 -12.59 -10.42
C ASN B 107 15.00 -11.98 -10.96
N TRP B 108 15.15 -11.13 -11.97
CA TRP B 108 14.02 -10.59 -12.70
C TRP B 108 14.43 -10.28 -14.12
N SER B 109 13.46 -10.30 -15.03
CA SER B 109 13.74 -10.17 -16.45
C SER B 109 12.46 -9.53 -16.94
N GLY B 110 12.57 -8.36 -17.55
CA GLY B 110 11.47 -7.79 -18.29
C GLY B 110 11.63 -6.30 -18.44
N SER B 111 10.55 -5.66 -18.84
CA SER B 111 10.55 -4.22 -19.06
C SER B 111 9.79 -3.51 -17.95
N ILE B 112 10.22 -2.30 -17.65
CA ILE B 112 9.60 -1.46 -16.64
C ILE B 112 8.83 -0.36 -17.36
N THR B 113 7.62 -0.10 -16.89
CA THR B 113 6.89 1.12 -17.22
C THR B 113 7.16 2.12 -16.11
N ILE B 114 7.52 3.35 -16.47
CA ILE B 114 7.62 4.44 -15.51
C ILE B 114 6.80 5.60 -16.05
N THR B 115 5.79 6.02 -15.29
CA THR B 115 4.84 7.03 -15.73
C THR B 115 4.98 8.28 -14.88
N PHE B 116 5.36 9.39 -15.51
CA PHE B 116 5.52 10.66 -14.82
C PHE B 116 4.28 11.51 -14.99
N MET B 117 3.79 12.07 -13.89
CA MET B 117 2.66 12.98 -13.90
C MET B 117 3.07 14.30 -13.29
N CYS B 118 2.74 15.40 -13.96
CA CYS B 118 3.02 16.74 -13.46
C CYS B 118 1.72 17.34 -12.94
N VAL B 119 1.66 17.58 -11.64
CA VAL B 119 0.52 18.27 -11.03
C VAL B 119 0.85 19.76 -10.99
N CYS B 120 0.14 20.53 -11.79
CA CYS B 120 0.29 21.98 -11.86
C CYS B 120 -1.04 22.51 -12.36
N ASP B 121 -1.13 23.80 -12.60
CA ASP B 121 -2.39 24.36 -13.06
C ASP B 121 -2.57 24.08 -14.54
N ALA B 122 -3.71 24.50 -15.08
CA ALA B 122 -4.04 24.20 -16.47
C ALA B 122 -3.32 25.10 -17.46
N PHE B 123 -2.53 26.06 -17.01
CA PHE B 123 -1.80 26.94 -17.90
C PHE B 123 -0.31 26.64 -17.96
N SER B 124 0.23 25.96 -16.94
CA SER B 124 1.62 25.54 -16.97
C SER B 124 1.82 24.48 -18.04
N THR B 125 2.76 24.72 -18.93
CA THR B 125 3.17 23.74 -19.91
C THR B 125 4.68 23.52 -19.80
N GLY B 126 5.14 22.47 -20.46
CA GLY B 126 6.55 22.13 -20.41
C GLY B 126 6.86 20.90 -21.22
N LYS B 127 8.11 20.76 -21.65
CA LYS B 127 8.56 19.56 -22.33
C LYS B 127 9.70 18.97 -21.52
N PHE B 128 9.64 17.68 -21.25
CA PHE B 128 10.68 16.99 -20.51
C PHE B 128 11.22 15.85 -21.33
N LEU B 129 12.52 15.61 -21.20
CA LEU B 129 13.17 14.46 -21.81
C LEU B 129 13.41 13.42 -20.72
N VAL B 130 12.81 12.24 -20.87
CA VAL B 130 12.97 11.16 -19.92
C VAL B 130 13.82 10.09 -20.59
N ALA B 131 15.07 9.96 -20.17
CA ALA B 131 16.04 9.11 -20.84
C ALA B 131 16.37 7.90 -19.98
N TYR B 132 16.50 6.75 -20.63
CA TYR B 132 16.97 5.54 -19.98
C TYR B 132 18.35 5.20 -20.53
N THR B 133 19.36 5.36 -19.70
CA THR B 133 20.70 4.94 -20.07
C THR B 133 20.80 3.43 -19.93
N PRO B 134 21.17 2.70 -20.98
CA PRO B 134 21.26 1.24 -20.91
C PRO B 134 22.41 0.81 -20.02
N PRO B 135 22.48 -0.47 -19.62
CA PRO B 135 23.55 -0.91 -18.72
C PRO B 135 24.94 -0.82 -19.35
N GLY B 136 25.91 -0.51 -18.50
CA GLY B 136 27.27 -0.27 -18.94
C GLY B 136 27.59 1.18 -19.21
N GLY B 137 26.58 2.02 -19.35
CA GLY B 137 26.80 3.43 -19.60
C GLY B 137 26.80 4.25 -18.32
N LYS B 138 27.63 5.28 -18.31
CA LYS B 138 27.72 6.20 -17.20
C LYS B 138 26.44 7.03 -17.09
N LEU B 139 26.18 7.54 -15.90
CA LEU B 139 25.11 8.51 -15.71
C LEU B 139 25.46 9.78 -16.50
N PRO B 140 24.53 10.30 -17.31
CA PRO B 140 24.90 11.21 -18.41
C PRO B 140 25.50 12.56 -18.04
N GLU B 141 24.90 13.29 -17.09
CA GLU B 141 25.25 14.66 -16.64
C GLU B 141 25.34 15.69 -17.77
N ASP B 142 24.74 15.39 -18.92
CA ASP B 142 24.51 16.33 -20.01
C ASP B 142 23.33 15.81 -20.78
N ARG B 143 22.51 16.71 -21.31
CA ARG B 143 21.36 16.26 -22.07
C ARG B 143 21.79 15.65 -23.40
N LYS B 144 22.91 16.12 -23.96
CA LYS B 144 23.44 15.52 -25.18
C LYS B 144 23.98 14.12 -24.94
N GLN B 145 24.40 13.82 -23.70
CA GLN B 145 24.80 12.46 -23.36
C GLN B 145 23.63 11.60 -22.96
N ALA B 146 22.51 12.21 -22.58
CA ALA B 146 21.32 11.47 -22.20
C ALA B 146 20.39 11.17 -23.37
N MET B 147 20.37 12.03 -24.38
CA MET B 147 19.53 11.79 -25.54
C MET B 147 20.07 10.71 -26.46
N LEU B 148 21.25 10.18 -26.19
CA LEU B 148 21.78 9.09 -26.99
C LEU B 148 21.26 7.73 -26.53
N GLY B 149 20.55 7.68 -25.41
CA GLY B 149 19.95 6.46 -24.93
C GLY B 149 18.47 6.39 -25.26
N VAL B 150 17.80 5.44 -24.62
CA VAL B 150 16.37 5.21 -24.80
C VAL B 150 15.62 6.35 -24.15
N HIS B 151 15.10 7.28 -24.94
CA HIS B 151 14.43 8.43 -24.36
C HIS B 151 13.06 8.64 -24.97
N ILE B 152 12.27 9.46 -24.27
CA ILE B 152 11.00 9.99 -24.74
C ILE B 152 10.99 11.47 -24.41
N ILE B 153 10.18 12.21 -25.16
CA ILE B 153 10.04 13.65 -24.96
C ILE B 153 8.56 13.95 -24.85
N TRP B 154 8.12 14.40 -23.69
CA TRP B 154 6.69 14.58 -23.48
C TRP B 154 6.32 16.02 -23.20
N ASP B 155 5.29 16.47 -23.91
CA ASP B 155 4.69 17.79 -23.75
C ASP B 155 3.64 17.74 -22.63
N LEU B 156 3.30 18.91 -22.12
CA LEU B 156 2.36 19.05 -21.02
C LEU B 156 1.14 19.83 -21.51
N GLY B 157 0.00 19.15 -21.60
CA GLY B 157 -1.26 19.80 -21.89
C GLY B 157 -2.36 18.79 -22.13
N LEU B 158 -3.52 18.98 -21.51
CA LEU B 158 -4.77 18.21 -21.67
C LEU B 158 -4.67 16.79 -21.10
N GLN B 159 -3.47 16.36 -20.71
CA GLN B 159 -3.24 15.12 -19.98
C GLN B 159 -1.89 15.23 -19.32
N SER B 160 -1.83 14.88 -18.04
CA SER B 160 -0.66 15.18 -17.25
C SER B 160 0.36 14.07 -17.24
N SER B 161 0.05 12.91 -17.79
CA SER B 161 0.89 11.74 -17.60
C SER B 161 1.53 11.30 -18.91
N CYS B 162 2.72 10.71 -18.77
CA CYS B 162 3.41 10.11 -19.89
C CYS B 162 4.29 8.97 -19.40
N THR B 163 4.31 7.89 -20.16
CA THR B 163 4.94 6.64 -19.78
C THR B 163 6.20 6.42 -20.61
N ILE B 164 7.33 6.22 -19.96
CA ILE B 164 8.51 5.69 -20.62
C ILE B 164 8.59 4.19 -20.33
N VAL B 165 8.67 3.40 -21.38
CA VAL B 165 8.87 1.97 -21.25
C VAL B 165 10.37 1.76 -21.21
N VAL B 166 10.89 1.44 -20.02
CA VAL B 166 12.28 1.05 -19.87
C VAL B 166 12.40 -0.35 -20.44
N PRO B 167 13.03 -0.54 -21.59
CA PRO B 167 13.00 -1.84 -22.25
C PRO B 167 13.98 -2.80 -21.59
N TRP B 168 13.85 -4.07 -21.94
CA TRP B 168 14.74 -5.08 -21.39
C TRP B 168 15.98 -5.15 -22.25
N ILE B 169 17.02 -4.44 -21.83
CA ILE B 169 18.31 -4.45 -22.50
C ILE B 169 19.30 -5.04 -21.51
N SER B 170 19.73 -6.27 -21.76
CA SER B 170 20.69 -6.91 -20.86
C SER B 170 21.47 -7.96 -21.60
N SER B 171 22.68 -8.21 -21.10
CA SER B 171 23.50 -9.28 -21.63
C SER B 171 22.92 -10.64 -21.29
N GLY B 172 22.75 -10.90 -19.98
CA GLY B 172 22.19 -12.14 -19.52
C GLY B 172 20.69 -12.23 -19.77
N PHE B 173 20.13 -13.37 -19.35
CA PHE B 173 18.71 -13.56 -19.52
C PHE B 173 17.92 -13.08 -18.32
N TYR B 174 18.55 -12.98 -17.17
CA TYR B 174 17.93 -12.48 -15.96
C TYR B 174 18.86 -11.47 -15.30
N ARG B 175 18.26 -10.48 -14.67
CA ARG B 175 18.98 -9.46 -13.94
C ARG B 175 18.79 -9.69 -12.45
N ARG B 176 19.85 -9.47 -11.67
CA ARG B 176 19.78 -9.68 -10.24
C ARG B 176 18.97 -8.57 -9.57
N THR B 177 18.21 -8.95 -8.54
CA THR B 177 17.41 -7.96 -7.82
C THR B 177 18.29 -7.06 -6.98
N LYS B 178 19.11 -7.63 -6.12
CA LYS B 178 20.12 -6.84 -5.41
C LYS B 178 21.18 -6.41 -6.41
N ALA B 179 21.22 -5.11 -6.70
CA ALA B 179 21.98 -4.60 -7.82
C ALA B 179 23.47 -4.67 -7.56
N ASP B 180 24.20 -5.23 -8.52
CA ASP B 180 25.65 -5.22 -8.50
C ASP B 180 26.16 -4.50 -9.73
N SER B 181 27.47 -4.52 -9.95
CA SER B 181 28.02 -3.89 -11.14
C SER B 181 27.98 -4.80 -12.36
N PHE B 182 27.84 -6.11 -12.17
CA PHE B 182 27.82 -7.02 -13.30
C PHE B 182 26.49 -6.98 -14.02
N THR B 183 25.38 -6.96 -13.28
CA THR B 183 24.06 -6.91 -13.86
C THR B 183 23.27 -5.65 -13.59
N HIS B 184 23.95 -4.51 -13.47
CA HIS B 184 23.24 -3.28 -13.17
C HIS B 184 22.25 -2.98 -14.30
N GLY B 185 21.16 -2.33 -13.94
CA GLY B 185 20.10 -2.09 -14.90
C GLY B 185 20.20 -0.81 -15.68
N GLY B 186 21.11 0.09 -15.30
CA GLY B 186 21.18 1.38 -15.91
C GLY B 186 20.49 2.44 -15.07
N TYR B 187 20.21 3.57 -15.70
CA TYR B 187 19.62 4.70 -15.02
C TYR B 187 18.49 5.28 -15.84
N VAL B 188 17.51 5.84 -15.14
CA VAL B 188 16.46 6.65 -15.74
C VAL B 188 16.65 8.07 -15.25
N SER B 189 16.75 9.02 -16.18
CA SER B 189 16.98 10.41 -15.82
C SER B 189 15.94 11.30 -16.48
N LEU B 190 15.44 12.26 -15.72
CA LEU B 190 14.47 13.23 -16.19
C LEU B 190 15.16 14.56 -16.41
N TRP B 191 14.97 15.13 -17.61
CA TRP B 191 15.62 16.37 -17.99
C TRP B 191 14.56 17.37 -18.42
N TYR B 192 14.93 18.64 -18.43
CA TYR B 192 14.15 19.66 -19.11
C TYR B 192 14.42 19.56 -20.60
N GLN B 193 13.40 19.36 -21.41
CA GLN B 193 13.64 19.40 -22.84
C GLN B 193 13.70 20.83 -23.34
N THR B 194 12.59 21.56 -23.24
CA THR B 194 12.65 23.01 -23.43
C THR B 194 12.59 23.97 -22.25
N ALA B 195 11.73 23.67 -21.28
CA ALA B 195 11.65 24.30 -19.97
C ALA B 195 10.56 23.64 -19.14
N PHE B 196 10.05 24.36 -18.16
CA PHE B 196 8.72 24.29 -17.56
C PHE B 196 8.26 25.72 -17.40
N VAL B 197 7.23 26.12 -18.15
CA VAL B 197 6.86 27.52 -18.20
C VAL B 197 5.50 27.68 -17.52
N PRO B 198 5.45 28.24 -16.32
CA PRO B 198 4.17 28.41 -15.61
C PRO B 198 3.55 29.75 -15.96
N PRO B 199 2.28 30.01 -15.57
CA PRO B 199 1.68 31.31 -15.90
C PRO B 199 2.14 32.46 -15.03
N VAL B 200 3.05 32.25 -14.09
CA VAL B 200 3.67 33.33 -13.35
C VAL B 200 5.18 33.14 -13.40
N SER B 201 5.90 34.12 -12.84
CA SER B 201 7.35 34.06 -12.90
C SER B 201 7.91 33.03 -11.92
N GLY B 202 7.36 32.96 -10.71
CA GLY B 202 7.85 32.04 -9.72
C GLY B 202 6.97 30.81 -9.55
N GLY B 203 6.17 30.50 -10.58
CA GLY B 203 5.29 29.37 -10.50
C GLY B 203 6.03 28.05 -10.53
N THR B 204 5.36 27.00 -10.04
CA THR B 204 5.98 25.70 -9.87
C THR B 204 5.06 24.61 -10.40
N GLY B 205 5.66 23.44 -10.63
CA GLY B 205 4.90 22.25 -10.88
C GLY B 205 5.45 21.11 -10.05
N SER B 206 4.63 20.10 -9.83
CA SER B 206 4.97 18.99 -8.96
C SER B 206 4.93 17.70 -9.77
N ILE B 207 6.10 17.16 -10.08
CA ILE B 207 6.21 15.95 -10.89
C ILE B 207 6.22 14.74 -9.97
N LEU B 208 5.28 13.84 -10.17
CA LEU B 208 5.27 12.54 -9.52
C LEU B 208 5.72 11.49 -10.50
N ALA B 209 5.81 10.25 -10.02
CA ALA B 209 6.21 9.14 -10.87
C ALA B 209 5.63 7.85 -10.32
N THR B 210 5.13 7.00 -11.21
CA THR B 210 4.70 5.66 -10.85
C THR B 210 5.43 4.64 -11.69
N CYS B 211 5.59 3.44 -11.15
CA CYS B 211 6.27 2.36 -11.85
C CYS B 211 5.43 1.09 -11.81
N SER B 212 5.56 0.28 -12.85
CA SER B 212 4.88 -1.00 -12.91
C SER B 212 5.68 -1.93 -13.79
N ALA B 213 5.15 -3.13 -13.98
CA ALA B 213 5.79 -4.14 -14.81
C ALA B 213 5.10 -4.22 -16.16
N CYS B 214 5.88 -4.51 -17.18
CA CYS B 214 5.32 -4.81 -18.49
C CYS B 214 4.81 -6.25 -18.49
N PRO B 215 3.98 -6.63 -19.47
CA PRO B 215 3.50 -8.02 -19.51
C PRO B 215 4.59 -9.07 -19.72
N ASP B 216 5.72 -8.73 -20.31
CA ASP B 216 6.78 -9.69 -20.55
C ASP B 216 7.76 -9.80 -19.39
N MET B 217 7.39 -9.29 -18.21
CA MET B 217 8.27 -9.33 -17.05
C MET B 217 8.13 -10.66 -16.32
N SER B 218 9.25 -11.27 -15.96
CA SER B 218 9.27 -12.54 -15.25
C SER B 218 10.21 -12.46 -14.05
N VAL B 219 9.96 -13.33 -13.07
CA VAL B 219 10.78 -13.43 -11.87
C VAL B 219 11.06 -14.90 -11.59
N ARG B 220 12.14 -15.16 -10.86
CA ARG B 220 12.45 -16.52 -10.44
C ARG B 220 13.29 -16.46 -9.18
N MET B 221 13.49 -17.64 -8.57
CA MET B 221 14.27 -17.87 -7.36
C MET B 221 13.82 -17.26 -6.02
N LEU B 222 12.54 -17.46 -5.74
CA LEU B 222 11.86 -16.83 -4.60
C LEU B 222 12.69 -16.94 -3.33
N ARG B 223 12.94 -15.80 -2.71
CA ARG B 223 13.83 -15.70 -1.56
C ARG B 223 13.14 -14.86 -0.50
N ASP B 224 13.84 -14.62 0.60
CA ASP B 224 13.35 -13.73 1.64
C ASP B 224 13.28 -12.30 1.14
N SER B 225 12.45 -11.50 1.81
CA SER B 225 12.52 -10.12 1.37
C SER B 225 13.42 -9.31 2.30
N PRO B 226 14.27 -8.44 1.76
CA PRO B 226 15.00 -7.48 2.59
C PRO B 226 14.14 -6.32 3.07
N MET B 227 12.90 -6.22 2.59
CA MET B 227 11.95 -5.20 2.99
C MET B 227 11.11 -5.61 4.19
N MET B 228 11.62 -6.51 5.02
CA MET B 228 10.95 -6.90 6.25
C MET B 228 11.99 -7.31 7.28
N GLU B 229 11.82 -6.84 8.50
CA GLU B 229 12.70 -7.16 9.60
C GLU B 229 11.85 -7.62 10.77
N GLN B 230 12.48 -8.31 11.73
CA GLN B 230 11.86 -8.60 13.01
C GLN B 230 12.97 -8.62 14.05
N LYS B 231 12.97 -7.61 14.92
CA LYS B 231 13.97 -7.50 15.96
C LYS B 231 13.42 -7.79 17.35
N ASN B 232 12.14 -7.56 17.57
CA ASN B 232 11.46 -7.89 18.81
C ASN B 232 10.52 -9.06 18.57
N GLU B 233 9.97 -9.59 19.66
CA GLU B 233 9.03 -10.68 19.59
C GLU B 233 7.61 -10.14 19.69
N LEU B 234 6.77 -10.53 18.74
CA LEU B 234 5.40 -10.05 18.67
C LEU B 234 4.57 -10.80 19.70
N GLN B 235 4.22 -10.12 20.79
CA GLN B 235 3.35 -10.68 21.79
C GLN B 235 2.16 -9.75 22.02
N LEU C 13 -18.32 14.79 -20.12
CA LEU C 13 -19.76 14.72 -19.88
C LEU C 13 -20.13 13.33 -19.39
N LYS C 14 -20.87 13.27 -18.29
CA LYS C 14 -21.28 12.00 -17.71
C LYS C 14 -22.56 12.21 -16.91
N GLN C 15 -23.34 11.16 -16.78
CA GLN C 15 -24.57 11.20 -16.00
C GLN C 15 -24.80 9.83 -15.35
N ILE C 16 -24.99 9.83 -14.04
CA ILE C 16 -25.26 8.62 -13.28
C ILE C 16 -26.56 8.82 -12.53
N THR C 17 -27.58 8.04 -12.88
CA THR C 17 -28.90 8.13 -12.26
C THR C 17 -29.15 6.84 -11.51
N ILE C 18 -29.28 6.94 -10.19
CA ILE C 18 -29.94 5.93 -9.37
C ILE C 18 -31.10 6.62 -8.69
N GLY C 19 -32.25 5.94 -8.63
CA GLY C 19 -33.57 6.50 -8.40
C GLY C 19 -33.72 7.58 -7.35
N ASN C 20 -34.52 8.60 -7.67
CA ASN C 20 -34.74 9.80 -6.85
C ASN C 20 -33.47 10.63 -6.69
N SER C 21 -32.51 10.51 -7.62
CA SER C 21 -31.24 11.21 -7.58
C SER C 21 -30.57 11.11 -8.94
N THR C 22 -29.61 12.01 -9.19
CA THR C 22 -28.89 12.07 -10.45
C THR C 22 -27.57 12.82 -10.23
N ILE C 23 -26.48 12.21 -10.68
CA ILE C 23 -25.15 12.80 -10.67
C ILE C 23 -24.83 13.23 -12.10
N THR C 24 -24.36 14.45 -12.26
CA THR C 24 -23.95 14.97 -13.57
C THR C 24 -22.55 15.55 -13.44
N THR C 25 -21.73 15.36 -14.47
CA THR C 25 -20.37 15.90 -14.48
C THR C 25 -20.02 16.41 -15.86
N GLN C 26 -18.97 17.24 -15.94
CA GLN C 26 -18.52 17.82 -17.20
C GLN C 26 -17.11 17.42 -17.57
N ASP C 27 -16.15 17.49 -16.64
CA ASP C 27 -14.76 17.10 -16.89
C ASP C 27 -14.48 15.88 -16.03
N SER C 28 -14.85 14.72 -16.54
CA SER C 28 -14.82 13.48 -15.78
C SER C 28 -14.11 12.39 -16.57
N LEU C 29 -13.53 11.45 -15.84
CA LEU C 29 -12.73 10.39 -16.43
C LEU C 29 -13.62 9.18 -16.70
N HIS C 30 -13.00 8.04 -16.98
CA HIS C 30 -13.67 6.76 -16.99
C HIS C 30 -14.07 6.41 -15.56
N THR C 31 -15.28 5.88 -15.39
CA THR C 31 -15.71 5.40 -14.09
C THR C 31 -14.94 4.13 -13.73
N VAL C 32 -14.45 4.08 -12.49
CA VAL C 32 -13.75 2.89 -12.03
C VAL C 32 -14.78 1.88 -11.53
N LEU C 33 -14.71 0.68 -12.07
CA LEU C 33 -15.53 -0.44 -11.61
C LEU C 33 -14.61 -1.35 -10.81
N ALA C 34 -14.84 -1.41 -9.50
CA ALA C 34 -13.90 -2.01 -8.57
C ALA C 34 -13.81 -3.51 -8.79
N TYR C 35 -12.60 -3.97 -9.14
CA TYR C 35 -12.27 -5.37 -9.39
C TYR C 35 -13.10 -5.97 -10.51
N GLY C 36 -13.52 -5.14 -11.46
CA GLY C 36 -14.20 -5.60 -12.65
C GLY C 36 -15.61 -6.10 -12.47
N GLU C 37 -16.16 -6.08 -11.26
CA GLU C 37 -17.46 -6.64 -10.98
C GLU C 37 -18.44 -5.54 -10.60
N TRP C 38 -19.63 -5.61 -11.17
CA TRP C 38 -20.71 -4.73 -10.78
C TRP C 38 -21.34 -5.23 -9.49
N PRO C 39 -21.98 -4.34 -8.72
CA PRO C 39 -22.76 -4.80 -7.57
C PRO C 39 -23.94 -5.64 -8.01
N THR C 40 -24.05 -6.83 -7.43
CA THR C 40 -25.10 -7.78 -7.76
C THR C 40 -25.91 -8.10 -6.51
N TYR C 41 -26.96 -8.87 -6.70
CA TYR C 41 -27.70 -9.42 -5.57
C TYR C 41 -27.11 -10.76 -5.17
N LEU C 42 -27.39 -11.16 -3.94
CA LEU C 42 -26.83 -12.40 -3.41
C LEU C 42 -27.53 -13.59 -4.07
N SER C 43 -26.76 -14.41 -4.76
CA SER C 43 -27.32 -15.57 -5.43
C SER C 43 -27.68 -16.65 -4.42
N ASP C 44 -28.53 -17.57 -4.83
CA ASP C 44 -28.92 -18.68 -3.99
C ASP C 44 -27.81 -19.71 -3.82
N ILE C 45 -26.80 -19.70 -4.70
CA ILE C 45 -25.65 -20.57 -4.54
C ILE C 45 -24.66 -19.99 -3.53
N ASP C 46 -24.75 -18.68 -3.25
CA ASP C 46 -23.81 -18.03 -2.34
C ASP C 46 -24.46 -17.56 -1.04
N ALA C 47 -25.68 -17.98 -0.76
CA ALA C 47 -26.39 -17.52 0.43
C ALA C 47 -26.29 -18.53 1.56
N THR C 48 -26.34 -18.04 2.79
CA THR C 48 -26.35 -18.89 3.97
C THR C 48 -27.62 -18.81 4.80
N SER C 49 -28.16 -17.61 5.03
CA SER C 49 -29.34 -17.46 5.87
C SER C 49 -30.58 -17.83 5.07
N VAL C 50 -31.58 -18.35 5.76
CA VAL C 50 -32.73 -18.97 5.10
C VAL C 50 -33.82 -17.97 4.74
N ASP C 51 -34.01 -16.89 5.48
CA ASP C 51 -35.14 -16.01 5.28
C ASP C 51 -34.95 -15.17 4.02
N LYS C 52 -36.06 -14.68 3.48
CA LYS C 52 -36.02 -13.89 2.26
C LYS C 52 -35.49 -12.50 2.59
N PRO C 53 -34.44 -12.04 1.93
CA PRO C 53 -33.93 -10.70 2.20
C PRO C 53 -34.83 -9.63 1.60
N THR C 54 -34.82 -8.46 2.22
CA THR C 54 -35.57 -7.35 1.67
C THR C 54 -34.78 -6.69 0.55
N HIS C 55 -35.50 -5.95 -0.29
CA HIS C 55 -34.90 -5.23 -1.41
C HIS C 55 -35.60 -3.89 -1.48
N PRO C 56 -34.99 -2.83 -0.95
CA PRO C 56 -35.61 -1.50 -1.04
C PRO C 56 -35.64 -0.96 -2.46
N GLU C 57 -34.49 -0.96 -3.13
CA GLU C 57 -34.26 -0.83 -4.57
C GLU C 57 -34.53 0.53 -5.18
N THR C 58 -35.12 1.46 -4.44
CA THR C 58 -35.35 2.79 -4.98
C THR C 58 -35.20 3.88 -3.94
N SER C 59 -35.42 3.58 -2.66
CA SER C 59 -35.31 4.57 -1.61
C SER C 59 -34.06 4.40 -0.77
N ALA C 60 -33.41 3.24 -0.84
CA ALA C 60 -32.10 3.08 -0.25
C ALA C 60 -31.00 3.20 -1.28
N ASP C 61 -31.22 2.68 -2.49
CA ASP C 61 -30.26 2.82 -3.58
C ASP C 61 -30.47 4.19 -4.22
N ARG C 62 -29.80 5.19 -3.66
CA ARG C 62 -29.87 6.55 -4.13
C ARG C 62 -28.67 7.32 -3.61
N PHE C 63 -28.39 8.44 -4.25
CA PHE C 63 -27.16 9.21 -3.97
C PHE C 63 -27.34 10.02 -2.70
N TYR C 64 -26.67 9.61 -1.63
CA TYR C 64 -26.62 10.38 -0.39
C TYR C 64 -25.31 11.17 -0.37
N THR C 65 -25.41 12.49 -0.32
CA THR C 65 -24.24 13.35 -0.26
C THR C 65 -23.92 13.69 1.19
N LEU C 66 -22.71 13.36 1.61
CA LEU C 66 -22.28 13.64 2.98
C LEU C 66 -21.88 15.10 3.12
N ASP C 67 -21.37 15.47 4.29
CA ASP C 67 -20.93 16.84 4.52
C ASP C 67 -19.67 17.14 3.73
N SER C 68 -19.52 18.39 3.33
CA SER C 68 -18.33 18.81 2.61
C SER C 68 -17.18 19.02 3.58
N VAL C 69 -16.00 18.53 3.21
CA VAL C 69 -14.80 18.79 3.93
C VAL C 69 -14.01 19.85 3.18
N GLU C 70 -13.16 20.58 3.88
CA GLU C 70 -12.46 21.73 3.32
C GLU C 70 -11.00 21.36 3.06
N TRP C 71 -10.61 21.34 1.80
CA TRP C 71 -9.23 21.06 1.42
C TRP C 71 -8.43 22.35 1.56
N GLN C 72 -7.81 22.54 2.72
CA GLN C 72 -6.95 23.68 2.95
C GLN C 72 -5.51 23.29 2.67
N VAL C 73 -4.59 24.19 3.02
CA VAL C 73 -3.17 23.87 3.01
C VAL C 73 -2.82 23.27 4.36
N GLY C 74 -2.15 22.11 4.33
CA GLY C 74 -1.86 21.40 5.54
C GLY C 74 -2.88 20.37 5.94
N SER C 75 -3.91 20.17 5.13
CA SER C 75 -4.87 19.10 5.36
C SER C 75 -4.26 17.79 4.91
N HIS C 76 -4.20 16.82 5.81
CA HIS C 76 -3.55 15.55 5.53
C HIS C 76 -4.48 14.52 4.93
N GLY C 77 -5.79 14.68 5.10
CA GLY C 77 -6.70 13.72 4.53
C GLY C 77 -7.97 13.50 5.32
N TRP C 78 -8.88 12.72 4.75
CA TRP C 78 -10.15 12.38 5.37
C TRP C 78 -10.46 10.92 5.04
N TRP C 79 -11.21 10.28 5.93
CA TRP C 79 -11.72 8.96 5.58
C TRP C 79 -13.12 8.75 6.13
N TRP C 80 -13.93 8.03 5.37
CA TRP C 80 -15.30 7.66 5.73
C TRP C 80 -15.42 6.15 5.67
N LYS C 81 -15.81 5.52 6.76
CA LYS C 81 -16.08 4.10 6.72
C LYS C 81 -17.43 3.84 6.08
N LEU C 82 -17.56 2.70 5.42
CA LEU C 82 -18.81 2.30 4.80
C LEU C 82 -19.17 0.90 5.24
N PRO C 83 -20.45 0.61 5.50
CA PRO C 83 -21.64 1.47 5.39
C PRO C 83 -21.94 2.25 6.66
N ASP C 84 -20.89 2.59 7.41
CA ASP C 84 -21.09 3.36 8.64
C ASP C 84 -21.49 4.80 8.36
N ALA C 85 -21.00 5.38 7.27
CA ALA C 85 -21.25 6.79 6.99
C ALA C 85 -22.72 7.05 6.66
N LEU C 86 -23.42 6.07 6.11
CA LEU C 86 -24.82 6.21 5.76
C LEU C 86 -25.75 5.69 6.84
N LYS C 87 -25.32 5.70 8.11
CA LYS C 87 -26.12 5.12 9.17
C LYS C 87 -27.31 6.00 9.55
N ASP C 88 -27.24 7.30 9.30
CA ASP C 88 -28.37 8.19 9.51
C ASP C 88 -28.84 8.81 8.21
N MET C 89 -28.47 8.23 7.07
CA MET C 89 -28.84 8.73 5.75
C MET C 89 -30.02 7.91 5.24
N GLY C 90 -31.23 8.36 5.54
CA GLY C 90 -32.41 7.86 4.89
C GLY C 90 -32.81 6.44 5.26
N VAL C 91 -33.59 5.83 4.36
CA VAL C 91 -34.10 4.48 4.63
C VAL C 91 -33.03 3.41 4.46
N PHE C 92 -31.90 3.72 3.84
CA PHE C 92 -30.76 2.82 3.91
C PHE C 92 -30.25 2.73 5.34
N GLY C 93 -30.13 3.88 6.02
CA GLY C 93 -29.74 3.86 7.42
C GLY C 93 -30.78 3.23 8.32
N GLN C 94 -32.06 3.46 8.00
CA GLN C 94 -33.13 2.85 8.81
C GLN C 94 -33.18 1.35 8.61
N ASN C 95 -32.93 0.87 7.39
CA ASN C 95 -32.90 -0.57 7.16
C ASN C 95 -31.65 -1.20 7.75
N MET C 96 -30.56 -0.43 7.86
CA MET C 96 -29.37 -0.96 8.51
C MET C 96 -29.58 -1.10 10.01
N TYR C 97 -30.26 -0.14 10.63
CA TYR C 97 -30.48 -0.23 12.07
C TYR C 97 -31.53 -1.25 12.46
N TYR C 98 -32.37 -1.69 11.53
CA TYR C 98 -33.48 -2.58 11.85
C TYR C 98 -33.25 -4.02 11.43
N HIS C 99 -32.13 -4.32 10.79
CA HIS C 99 -31.87 -5.66 10.28
C HIS C 99 -30.60 -6.23 10.91
N SER C 100 -30.56 -7.56 10.99
CA SER C 100 -29.41 -8.25 11.57
C SER C 100 -28.24 -8.29 10.62
N MET C 101 -28.50 -8.39 9.32
CA MET C 101 -27.45 -8.53 8.33
C MET C 101 -27.76 -7.61 7.16
N GLY C 102 -26.77 -7.43 6.30
CA GLY C 102 -26.97 -6.64 5.10
C GLY C 102 -25.74 -6.68 4.21
N ARG C 103 -25.98 -6.54 2.92
CA ARG C 103 -24.91 -6.38 1.95
C ARG C 103 -25.33 -5.31 0.97
N SER C 104 -24.34 -4.63 0.40
CA SER C 104 -24.60 -3.50 -0.46
C SER C 104 -23.37 -3.20 -1.29
N GLY C 105 -23.56 -2.97 -2.58
CA GLY C 105 -22.55 -2.32 -3.36
C GLY C 105 -22.67 -0.83 -3.21
N PHE C 106 -21.67 -0.12 -3.71
CA PHE C 106 -21.67 1.33 -3.57
C PHE C 106 -21.19 1.99 -4.86
N ILE C 107 -21.67 3.21 -5.09
CA ILE C 107 -21.21 4.05 -6.17
C ILE C 107 -20.77 5.37 -5.53
N ILE C 108 -19.47 5.59 -5.44
CA ILE C 108 -18.91 6.71 -4.70
C ILE C 108 -18.47 7.78 -5.70
N HIS C 109 -19.13 8.92 -5.66
CA HIS C 109 -18.79 10.06 -6.51
C HIS C 109 -18.17 11.14 -5.63
N THR C 110 -16.91 11.47 -5.90
CA THR C 110 -16.18 12.49 -5.17
C THR C 110 -16.04 13.72 -6.03
N GLN C 111 -16.41 14.88 -5.49
CA GLN C 111 -16.42 16.13 -6.25
C GLN C 111 -15.51 17.15 -5.56
N CYS C 112 -14.58 17.71 -6.32
CA CYS C 112 -13.75 18.82 -5.83
C CYS C 112 -13.44 19.47 -7.17
N ASN C 113 -13.82 20.74 -7.32
CA ASN C 113 -13.43 21.56 -8.45
C ASN C 113 -12.97 22.92 -7.96
N ALA C 114 -11.83 23.40 -8.47
CA ALA C 114 -11.37 24.73 -8.08
C ALA C 114 -11.31 25.70 -9.24
N THR C 115 -10.37 25.55 -10.19
CA THR C 115 -10.16 26.51 -11.28
C THR C 115 -9.11 25.99 -12.25
N LYS C 116 -8.77 26.83 -13.22
CA LYS C 116 -7.57 26.64 -14.02
C LYS C 116 -6.37 27.36 -13.45
N PHE C 117 -6.52 28.01 -12.29
CA PHE C 117 -5.41 28.66 -11.61
C PHE C 117 -4.94 27.88 -10.39
N HIS C 118 -5.66 26.84 -9.99
CA HIS C 118 -5.30 26.05 -8.84
C HIS C 118 -4.47 24.84 -9.24
N SER C 119 -3.71 24.33 -8.28
CA SER C 119 -2.94 23.11 -8.44
C SER C 119 -3.27 22.17 -7.30
N GLY C 120 -3.03 20.89 -7.51
CA GLY C 120 -3.26 19.93 -6.45
C GLY C 120 -3.68 18.59 -6.96
N ALA C 121 -3.66 17.59 -6.09
CA ALA C 121 -4.07 16.24 -6.44
C ALA C 121 -4.74 15.61 -5.22
N LEU C 122 -5.56 14.60 -5.48
CA LEU C 122 -6.28 13.91 -4.43
C LEU C 122 -6.39 12.44 -4.83
N ILE C 123 -5.63 11.58 -4.18
CA ILE C 123 -5.81 10.15 -4.39
C ILE C 123 -7.04 9.70 -3.60
N VAL C 124 -8.06 9.25 -4.31
CA VAL C 124 -9.34 8.88 -3.73
C VAL C 124 -9.46 7.36 -3.83
N ALA C 125 -9.09 6.66 -2.77
CA ALA C 125 -9.05 5.20 -2.78
C ALA C 125 -10.20 4.62 -1.96
N VAL C 126 -10.56 3.38 -2.29
CA VAL C 126 -11.60 2.64 -1.59
C VAL C 126 -10.93 1.38 -1.06
N ILE C 127 -10.70 1.33 0.25
CA ILE C 127 -9.93 0.25 0.86
C ILE C 127 -10.91 -0.77 1.44
N PRO C 128 -10.90 -2.02 0.98
CA PRO C 128 -11.66 -3.06 1.69
C PRO C 128 -10.93 -3.48 2.96
N GLU C 129 -11.67 -3.50 4.07
CA GLU C 129 -11.20 -3.90 5.40
C GLU C 129 -9.99 -3.07 5.84
N HIS C 130 -10.21 -1.77 5.98
CA HIS C 130 -9.17 -0.85 6.43
C HIS C 130 -9.06 -0.96 7.94
N GLN C 131 -8.37 -2.00 8.40
CA GLN C 131 -8.12 -2.17 9.82
C GLN C 131 -7.10 -1.13 10.24
N LEU C 132 -7.58 -0.07 10.90
CA LEU C 132 -6.72 1.05 11.26
C LEU C 132 -5.82 0.70 12.43
N ALA C 133 -4.62 1.26 12.39
CA ALA C 133 -3.68 1.08 13.48
C ALA C 133 -4.09 1.93 14.67
N TYR C 134 -3.61 1.54 15.85
CA TYR C 134 -3.71 2.39 17.02
C TYR C 134 -2.81 3.59 16.84
N VAL C 135 -3.17 4.70 17.50
CA VAL C 135 -2.43 5.95 17.35
C VAL C 135 -1.01 5.85 17.92
N GLY C 136 -0.74 4.88 18.78
CA GLY C 136 0.64 4.58 19.09
C GLY C 136 0.95 4.06 20.47
N GLY C 137 1.78 3.02 20.52
CA GLY C 137 2.34 2.58 21.78
C GLY C 137 1.94 1.18 22.21
N VAL C 138 1.15 1.11 23.26
CA VAL C 138 0.82 -0.14 23.93
C VAL C 138 -0.21 -0.93 23.14
N LYS C 139 -0.42 -2.19 23.52
CA LYS C 139 -1.39 -3.08 22.87
C LYS C 139 -2.78 -2.68 23.32
N VAL C 140 -3.40 -1.78 22.55
CA VAL C 140 -4.73 -1.25 22.86
C VAL C 140 -5.57 -1.31 21.59
N ASN C 141 -6.72 -1.96 21.65
CA ASN C 141 -7.65 -1.97 20.54
C ASN C 141 -8.24 -0.59 20.33
N VAL C 142 -8.43 -0.21 19.07
CA VAL C 142 -8.98 1.11 18.78
C VAL C 142 -10.48 1.10 19.08
N GLY C 143 -11.02 2.29 19.34
CA GLY C 143 -12.36 2.38 19.88
C GLY C 143 -13.43 2.20 18.83
N TYR C 144 -14.63 1.83 19.29
CA TYR C 144 -15.77 1.74 18.39
C TYR C 144 -16.19 3.12 17.91
N ASP C 145 -16.12 4.11 18.79
CA ASP C 145 -16.59 5.45 18.46
C ASP C 145 -15.67 6.15 17.48
N HIS C 146 -14.40 5.78 17.43
CA HIS C 146 -13.43 6.47 16.61
C HIS C 146 -13.31 5.89 15.21
N THR C 147 -13.72 4.64 15.02
CA THR C 147 -13.81 4.06 13.69
C THR C 147 -15.22 4.10 13.14
N HIS C 148 -16.18 4.61 13.90
CA HIS C 148 -17.54 4.85 13.41
C HIS C 148 -17.91 6.30 13.65
N PRO C 149 -17.40 7.23 12.83
CA PRO C 149 -17.70 8.64 13.03
C PRO C 149 -18.91 9.15 12.27
N GLY C 150 -19.58 8.30 11.50
CA GLY C 150 -20.77 8.72 10.78
C GLY C 150 -20.43 9.36 9.45
N GLN C 151 -21.31 10.25 8.98
CA GLN C 151 -21.10 10.96 7.74
C GLN C 151 -20.10 12.11 7.89
N SER C 152 -19.75 12.49 9.12
CA SER C 152 -18.76 13.53 9.33
C SER C 152 -17.37 13.08 8.93
N GLY C 153 -17.11 11.78 8.92
CA GLY C 153 -15.82 11.27 8.56
C GLY C 153 -14.82 11.52 9.67
N HIS C 154 -13.55 11.40 9.29
CA HIS C 154 -12.45 11.62 10.22
C HIS C 154 -11.36 12.36 9.49
N GLN C 155 -11.15 13.62 9.85
CA GLN C 155 -10.03 14.38 9.36
C GLN C 155 -8.74 13.77 9.91
N ILE C 156 -7.78 13.50 9.02
CA ILE C 156 -6.66 12.63 9.37
C ILE C 156 -5.69 13.33 10.33
N ARG C 157 -5.58 14.65 10.26
CA ARG C 157 -4.97 15.54 11.25
C ARG C 157 -3.47 15.35 11.43
N GLY C 158 -2.82 14.52 10.62
CA GLY C 158 -1.38 14.51 10.52
C GLY C 158 -0.68 13.79 11.64
N PRO C 159 0.49 13.23 11.35
CA PRO C 159 1.27 12.55 12.39
C PRO C 159 1.99 13.54 13.28
N SER C 160 2.04 13.19 14.57
CA SER C 160 2.81 13.93 15.55
C SER C 160 3.02 13.01 16.75
N GLN C 161 4.08 13.29 17.50
CA GLN C 161 4.31 12.59 18.76
C GLN C 161 3.39 13.08 19.86
N SER C 162 2.71 14.21 19.66
CA SER C 162 1.84 14.81 20.66
C SER C 162 0.37 14.52 20.40
N ASN C 163 0.06 13.52 19.59
CA ASN C 163 -1.33 13.18 19.31
C ASN C 163 -1.97 12.51 20.52
N ASP C 164 -3.26 12.74 20.68
CA ASP C 164 -4.01 12.19 21.80
C ASP C 164 -4.16 10.68 21.65
N ARG C 165 -3.95 9.96 22.75
CA ARG C 165 -4.00 8.50 22.77
C ARG C 165 -5.08 7.98 23.70
N SER C 166 -6.05 8.82 24.06
CA SER C 166 -7.03 8.48 25.08
C SER C 166 -8.17 7.70 24.45
N GLY C 167 -8.22 6.40 24.73
CA GLY C 167 -9.39 5.60 24.37
C GLY C 167 -9.37 4.98 23.01
N GLY C 168 -8.23 4.52 22.54
CA GLY C 168 -8.16 3.82 21.26
C GLY C 168 -8.34 4.73 20.07
N LYS C 169 -7.63 5.86 20.05
CA LYS C 169 -7.67 6.76 18.92
C LYS C 169 -7.03 6.09 17.70
N PRO C 170 -7.53 6.34 16.50
CA PRO C 170 -6.94 5.73 15.32
C PRO C 170 -5.66 6.47 14.91
N ASP C 171 -4.92 5.86 13.99
CA ASP C 171 -3.68 6.45 13.56
C ASP C 171 -3.93 7.67 12.69
N GLU C 172 -3.03 8.65 12.77
CA GLU C 172 -3.22 9.94 12.14
C GLU C 172 -2.25 10.19 11.01
N ASP C 173 -1.46 9.20 10.61
CA ASP C 173 -0.44 9.39 9.59
C ASP C 173 -1.00 8.99 8.24
N PRO C 174 -1.12 9.91 7.27
CA PRO C 174 -1.64 9.51 5.96
C PRO C 174 -0.65 8.76 5.10
N LEU C 175 0.66 8.87 5.38
CA LEU C 175 1.66 8.21 4.55
C LEU C 175 1.62 6.70 4.74
N PHE C 176 1.36 6.23 5.95
CA PHE C 176 1.26 4.81 6.19
C PHE C 176 -0.17 4.33 6.15
N ASN C 177 -1.07 5.11 5.53
CA ASN C 177 -2.49 4.80 5.32
C ASN C 177 -3.23 4.52 6.62
N CYS C 178 -2.70 5.01 7.75
CA CYS C 178 -3.16 4.74 9.10
C CYS C 178 -3.40 3.24 9.29
N ASN C 179 -2.86 2.13 8.80
CA ASN C 179 -2.56 0.74 9.07
C ASN C 179 -1.14 0.36 8.66
N GLY C 180 -0.01 1.16 8.48
CA GLY C 180 1.34 0.64 8.35
C GLY C 180 1.79 0.32 6.95
N THR C 181 0.87 0.30 5.98
CA THR C 181 1.20 0.04 4.59
C THR C 181 1.34 1.36 3.85
N LEU C 182 2.34 1.46 2.99
CA LEU C 182 2.76 2.75 2.42
C LEU C 182 1.72 3.32 1.46
N LEU C 183 1.51 4.62 1.55
CA LEU C 183 0.79 5.35 0.51
C LEU C 183 1.61 5.30 -0.78
N GLY C 184 0.93 5.43 -1.92
CA GLY C 184 1.57 5.20 -3.18
C GLY C 184 1.50 3.75 -3.64
N ASN C 185 1.53 2.82 -2.69
CA ASN C 185 1.04 1.48 -2.94
C ASN C 185 -0.46 1.38 -2.73
N ILE C 186 -1.12 2.49 -2.39
CA ILE C 186 -2.56 2.55 -2.24
C ILE C 186 -3.29 2.41 -3.58
N THR C 187 -2.57 2.46 -4.69
CA THR C 187 -3.14 2.29 -6.01
C THR C 187 -3.39 0.83 -6.37
N ILE C 188 -3.11 -0.12 -5.48
CA ILE C 188 -3.55 -1.50 -5.66
C ILE C 188 -5.05 -1.61 -5.39
N PHE C 189 -5.60 -0.65 -4.70
CA PHE C 189 -7.00 -0.51 -4.34
C PHE C 189 -7.75 0.23 -5.43
N PRO C 190 -9.08 0.07 -5.48
CA PRO C 190 -9.87 0.87 -6.44
C PRO C 190 -9.80 2.35 -6.15
N HIS C 191 -9.14 3.09 -7.04
CA HIS C 191 -8.79 4.47 -6.78
C HIS C 191 -8.98 5.30 -8.03
N GLN C 192 -9.00 6.61 -7.83
CA GLN C 192 -8.85 7.59 -8.90
C GLN C 192 -8.18 8.81 -8.29
N ILE C 193 -7.55 9.61 -9.15
CA ILE C 193 -6.86 10.83 -8.74
C ILE C 193 -7.64 12.01 -9.26
N ILE C 194 -7.92 12.98 -8.39
CA ILE C 194 -8.55 14.23 -8.79
C ILE C 194 -7.42 15.24 -8.92
N ASN C 195 -6.86 15.32 -10.12
CA ASN C 195 -5.87 16.33 -10.44
C ASN C 195 -6.60 17.53 -11.03
N LEU C 196 -6.48 18.68 -10.36
CA LEU C 196 -7.27 19.85 -10.71
C LEU C 196 -6.89 20.45 -12.06
N ARG C 197 -5.72 20.08 -12.59
CA ARG C 197 -5.39 20.45 -13.96
C ARG C 197 -6.31 19.77 -14.96
N THR C 198 -6.59 18.48 -14.77
CA THR C 198 -7.30 17.69 -15.76
C THR C 198 -8.75 17.29 -15.51
N ASN C 199 -9.08 16.89 -14.29
CA ASN C 199 -10.44 16.52 -13.95
C ASN C 199 -10.86 17.19 -12.66
N ASN C 200 -12.13 17.01 -12.30
CA ASN C 200 -12.63 17.57 -11.06
C ASN C 200 -13.38 16.53 -10.23
N SER C 201 -13.67 15.37 -10.78
CA SER C 201 -14.50 14.38 -10.11
C SER C 201 -13.92 13.00 -10.29
N SER C 202 -14.47 12.05 -9.57
CA SER C 202 -13.97 10.68 -9.55
C SER C 202 -15.10 9.76 -9.10
N THR C 203 -15.56 8.88 -9.99
CA THR C 203 -16.62 7.95 -9.69
C THR C 203 -16.07 6.53 -9.58
N ILE C 204 -16.35 5.87 -8.47
CA ILE C 204 -15.87 4.52 -8.21
C ILE C 204 -17.08 3.65 -7.85
N VAL C 205 -17.31 2.60 -8.62
CA VAL C 205 -18.41 1.67 -8.40
C VAL C 205 -17.84 0.41 -7.76
N VAL C 206 -18.25 0.12 -6.53
CA VAL C 206 -17.68 -0.98 -5.75
C VAL C 206 -18.76 -2.03 -5.57
N PRO C 207 -18.48 -3.31 -5.82
CA PRO C 207 -19.41 -4.37 -5.44
C PRO C 207 -19.30 -4.67 -3.95
N TYR C 208 -20.06 -5.67 -3.51
CA TYR C 208 -19.97 -6.09 -2.12
C TYR C 208 -18.75 -6.98 -1.95
N ILE C 209 -17.76 -6.47 -1.22
CA ILE C 209 -16.52 -7.20 -0.97
C ILE C 209 -16.51 -7.63 0.49
N ASN C 210 -16.61 -8.93 0.70
CA ASN C 210 -16.53 -9.60 1.99
C ASN C 210 -16.37 -11.07 1.71
N CYS C 211 -15.78 -11.81 2.65
CA CYS C 211 -15.68 -13.26 2.53
C CYS C 211 -16.87 -13.96 3.15
N VAL C 212 -17.97 -13.24 3.32
CA VAL C 212 -19.19 -13.75 3.93
C VAL C 212 -20.32 -13.11 3.13
N PRO C 213 -21.49 -13.74 3.01
CA PRO C 213 -22.51 -13.18 2.11
C PRO C 213 -23.18 -11.93 2.65
N MET C 214 -23.49 -11.89 3.94
CA MET C 214 -24.08 -10.73 4.58
C MET C 214 -23.54 -10.68 6.00
N ASP C 215 -23.35 -9.49 6.53
CA ASP C 215 -22.97 -9.38 7.94
C ASP C 215 -23.65 -8.16 8.54
N ASN C 216 -23.41 -7.95 9.84
CA ASN C 216 -24.06 -6.86 10.53
C ASN C 216 -23.43 -5.53 10.12
N MET C 217 -24.25 -4.63 9.62
CA MET C 217 -23.78 -3.39 9.03
C MET C 217 -23.27 -2.39 10.05
N LEU C 218 -23.51 -2.61 11.33
CA LEU C 218 -23.03 -1.69 12.35
C LEU C 218 -21.73 -2.15 12.97
N LYS C 219 -21.55 -3.46 13.14
CA LYS C 219 -20.31 -3.98 13.70
C LYS C 219 -19.18 -3.92 12.68
N HIS C 220 -19.45 -4.31 11.44
CA HIS C 220 -18.42 -4.47 10.43
C HIS C 220 -18.53 -3.36 9.40
N ASN C 221 -17.42 -2.67 9.15
CA ASN C 221 -17.33 -1.71 8.05
C ASN C 221 -16.58 -2.38 6.91
N ASN C 222 -17.27 -2.62 5.80
CA ASN C 222 -16.64 -3.34 4.69
C ASN C 222 -15.63 -2.47 3.98
N LEU C 223 -16.08 -1.34 3.44
CA LEU C 223 -15.23 -0.44 2.68
C LEU C 223 -14.83 0.74 3.53
N SER C 224 -13.85 1.50 3.03
CA SER C 224 -13.40 2.72 3.67
C SER C 224 -12.86 3.64 2.60
N LEU C 225 -13.61 4.67 2.27
CA LEU C 225 -13.19 5.66 1.29
C LEU C 225 -12.16 6.56 1.92
N VAL C 226 -11.00 6.72 1.27
CA VAL C 226 -9.88 7.49 1.80
C VAL C 226 -9.46 8.50 0.75
N ILE C 227 -9.43 9.76 1.13
CA ILE C 227 -9.03 10.87 0.25
C ILE C 227 -7.81 11.53 0.87
N ILE C 228 -6.70 11.55 0.14
CA ILE C 228 -5.44 12.10 0.64
C ILE C 228 -5.01 13.23 -0.30
N PRO C 229 -4.71 14.41 0.20
CA PRO C 229 -4.09 15.45 -0.62
C PRO C 229 -2.64 15.12 -0.93
N LEU C 230 -2.43 14.40 -2.03
CA LEU C 230 -1.11 14.00 -2.49
C LEU C 230 -0.22 15.20 -2.74
N VAL C 231 -0.70 16.16 -3.52
CA VAL C 231 0.02 17.41 -3.77
C VAL C 231 -0.82 18.51 -3.14
N PRO C 232 -0.21 19.50 -2.45
CA PRO C 232 -0.99 20.53 -1.76
C PRO C 232 -1.74 21.45 -2.72
N LEU C 233 -2.63 22.23 -2.15
CA LEU C 233 -3.51 23.10 -2.92
C LEU C 233 -2.84 24.46 -3.06
N ARG C 234 -2.23 24.70 -4.19
CA ARG C 234 -1.71 26.03 -4.49
C ARG C 234 -2.85 26.89 -5.03
N PRO C 235 -3.05 28.11 -4.52
CA PRO C 235 -4.14 28.94 -5.04
C PRO C 235 -3.81 29.62 -6.36
N GLY C 236 -2.53 29.79 -6.69
CA GLY C 236 -2.17 30.52 -7.88
C GLY C 236 -2.41 32.00 -7.75
N SER C 237 -2.85 32.65 -8.82
CA SER C 237 -3.16 34.05 -8.78
C SER C 237 -4.43 34.61 -8.12
N SER C 238 -5.11 33.70 -7.40
CA SER C 238 -6.49 33.79 -6.98
C SER C 238 -6.54 33.64 -5.49
N GLY C 239 -7.31 34.49 -4.81
CA GLY C 239 -7.25 34.52 -3.37
C GLY C 239 -7.97 33.43 -2.63
N ILE C 240 -8.31 32.33 -3.30
CA ILE C 240 -9.07 31.24 -2.70
C ILE C 240 -8.09 30.17 -2.25
N ASN C 241 -7.93 30.01 -0.95
CA ASN C 241 -6.94 29.13 -0.37
C ASN C 241 -7.49 27.78 0.06
N SER C 242 -8.80 27.55 -0.08
CA SER C 242 -9.39 26.32 0.39
C SER C 242 -10.66 26.03 -0.40
N VAL C 243 -10.78 24.81 -0.88
CA VAL C 243 -11.85 24.40 -1.79
C VAL C 243 -12.57 23.19 -1.19
N PRO C 244 -13.89 23.18 -1.14
CA PRO C 244 -14.61 22.06 -0.52
C PRO C 244 -14.54 20.79 -1.35
N ILE C 245 -14.54 19.65 -0.65
CA ILE C 245 -14.62 18.33 -1.26
C ILE C 245 -15.91 17.69 -0.77
N THR C 246 -16.78 17.32 -1.70
CA THR C 246 -18.05 16.69 -1.35
C THR C 246 -18.03 15.24 -1.80
N VAL C 247 -18.58 14.36 -0.97
CA VAL C 247 -18.58 12.93 -1.21
C VAL C 247 -20.02 12.47 -1.31
N THR C 248 -20.41 11.96 -2.46
CA THR C 248 -21.76 11.52 -2.73
C THR C 248 -21.75 10.01 -2.93
N ILE C 249 -22.25 9.27 -1.94
CA ILE C 249 -22.21 7.82 -1.94
C ILE C 249 -23.61 7.29 -2.15
N ALA C 250 -23.76 6.38 -3.11
CA ALA C 250 -25.02 5.73 -3.36
C ALA C 250 -24.90 4.24 -3.14
N PRO C 251 -25.72 3.65 -2.28
CA PRO C 251 -25.81 2.19 -2.24
C PRO C 251 -26.36 1.65 -3.54
N TYR C 252 -25.98 0.44 -3.88
CA TYR C 252 -26.47 -0.15 -5.11
C TYR C 252 -26.58 -1.65 -4.90
N LYS C 253 -27.76 -2.20 -5.26
CA LYS C 253 -28.13 -3.58 -5.01
C LYS C 253 -28.01 -3.93 -3.53
N SER C 254 -28.48 -3.02 -2.68
CA SER C 254 -28.46 -3.23 -1.24
C SER C 254 -29.60 -4.16 -0.84
N GLU C 255 -29.29 -5.12 0.01
CA GLU C 255 -30.30 -6.01 0.55
C GLU C 255 -30.00 -6.26 2.02
N PHE C 256 -31.06 -6.56 2.77
CA PHE C 256 -30.98 -6.76 4.20
C PHE C 256 -31.87 -7.94 4.58
N SER C 257 -31.42 -8.72 5.56
CA SER C 257 -32.24 -9.82 6.03
C SER C 257 -32.13 -9.94 7.54
N GLY C 258 -33.04 -10.72 8.11
CA GLY C 258 -33.12 -10.87 9.55
C GLY C 258 -33.61 -9.61 10.21
N ALA C 259 -34.87 -9.27 9.97
CA ALA C 259 -35.44 -8.06 10.56
C ALA C 259 -35.62 -8.23 12.06
N MET C 260 -35.43 -7.15 12.80
CA MET C 260 -35.46 -7.19 14.24
C MET C 260 -35.69 -5.77 14.73
N GLU C 261 -35.68 -5.61 16.05
CA GLU C 261 -35.86 -4.28 16.62
C GLU C 261 -34.68 -3.40 16.21
N ALA C 262 -34.89 -2.09 16.30
CA ALA C 262 -33.83 -1.14 15.98
C ALA C 262 -32.68 -1.28 16.95
N GLN C 263 -31.47 -1.34 16.40
CA GLN C 263 -30.26 -1.60 17.16
C GLN C 263 -29.64 -0.34 17.75
N ARG C 264 -30.45 0.68 18.00
CA ARG C 264 -29.99 1.92 18.59
C ARG C 264 -30.02 1.82 20.11
N GLN C 265 -29.82 2.94 20.79
CA GLN C 265 -29.83 2.97 22.24
C GLN C 265 -30.99 3.82 22.73
N ASN D 28 -0.50 -39.31 -10.77
CA ASN D 28 -1.23 -38.46 -9.83
C ASN D 28 -2.15 -39.30 -8.95
N ILE D 29 -1.59 -39.85 -7.88
CA ILE D 29 -2.33 -40.69 -6.95
C ILE D 29 -2.60 -39.89 -5.68
N ASN D 30 -3.77 -40.08 -5.11
CA ASN D 30 -4.12 -39.50 -3.81
C ASN D 30 -3.99 -40.61 -2.79
N TYR D 31 -2.90 -40.58 -2.01
CA TYR D 31 -2.56 -41.69 -1.13
C TYR D 31 -3.39 -41.73 0.13
N TYR D 32 -4.15 -40.69 0.44
CA TYR D 32 -4.90 -40.62 1.67
C TYR D 32 -6.41 -40.57 1.47
N LYS D 33 -6.86 -40.57 0.22
CA LYS D 33 -8.28 -40.52 -0.16
C LYS D 33 -9.00 -39.34 0.48
N ASP D 34 -8.41 -38.15 0.31
CA ASP D 34 -8.98 -36.92 0.82
C ASP D 34 -8.53 -35.77 -0.06
N SER D 35 -9.39 -34.76 -0.19
CA SER D 35 -9.08 -33.61 -1.02
C SER D 35 -8.14 -32.64 -0.32
N ALA D 36 -8.26 -32.50 1.00
CA ALA D 36 -7.36 -31.65 1.75
C ALA D 36 -5.98 -32.25 1.88
N SER D 37 -5.87 -33.57 1.75
CA SER D 37 -4.61 -34.27 1.93
C SER D 37 -3.68 -34.19 0.74
N SER D 38 -4.06 -33.50 -0.33
CA SER D 38 -3.27 -33.47 -1.55
C SER D 38 -2.09 -32.52 -1.39
N GLY D 39 -1.34 -32.35 -2.47
CA GLY D 39 -0.22 -31.44 -2.51
C GLY D 39 -0.64 -30.04 -2.92
N LEU D 40 0.31 -29.30 -3.48
CA LEU D 40 -0.01 -27.99 -4.03
C LEU D 40 -0.85 -28.14 -5.28
N SER D 41 -1.85 -27.28 -5.42
CA SER D 41 -2.71 -27.30 -6.58
C SER D 41 -2.16 -26.37 -7.65
N ARG D 42 -2.94 -26.08 -8.68
CA ARG D 42 -2.52 -25.17 -9.73
C ARG D 42 -3.61 -24.15 -10.00
N ASP D 48 -6.47 -13.59 -15.15
CA ASP D 48 -6.45 -12.36 -15.92
C ASP D 48 -6.07 -11.16 -15.04
N PRO D 49 -5.17 -10.32 -15.53
CA PRO D 49 -4.75 -9.15 -14.74
C PRO D 49 -5.78 -8.05 -14.70
N SER D 50 -6.74 -8.03 -15.62
CA SER D 50 -7.53 -6.84 -15.94
C SER D 50 -8.55 -6.44 -14.87
N LYS D 51 -8.70 -7.22 -13.79
CA LYS D 51 -9.50 -6.71 -12.68
C LYS D 51 -8.75 -5.62 -11.92
N PHE D 52 -7.43 -5.69 -11.94
CA PHE D 52 -6.56 -4.58 -11.60
C PHE D 52 -5.99 -4.03 -12.90
N THR D 53 -5.22 -2.94 -12.82
CA THR D 53 -4.50 -2.30 -13.92
C THR D 53 -5.38 -1.71 -15.02
N GLN D 54 -6.68 -2.01 -15.03
CA GLN D 54 -7.71 -1.45 -15.89
C GLN D 54 -9.10 -1.75 -15.32
N PRO D 55 -9.48 -1.22 -14.14
CA PRO D 55 -10.79 -1.52 -13.57
C PRO D 55 -11.86 -0.51 -14.03
N LEU D 56 -11.92 -0.25 -15.33
CA LEU D 56 -12.74 0.82 -15.86
C LEU D 56 -14.08 0.28 -16.31
N VAL D 57 -14.93 1.19 -16.77
CA VAL D 57 -16.24 0.82 -17.29
C VAL D 57 -16.23 0.95 -18.81
N LEU E 12 27.53 23.12 -8.94
CA LEU E 12 26.90 23.35 -7.64
C LEU E 12 25.60 22.58 -7.50
N HIS E 13 25.32 22.16 -6.28
CA HIS E 13 24.06 21.53 -5.95
C HIS E 13 23.54 22.12 -4.65
N LEU E 14 22.22 22.19 -4.52
CA LEU E 14 21.58 22.54 -3.26
C LEU E 14 21.15 21.25 -2.60
N ILE E 15 21.83 20.89 -1.52
CA ILE E 15 21.49 19.69 -0.77
C ILE E 15 20.16 19.91 -0.06
N LEU E 16 19.27 18.93 -0.15
CA LEU E 16 17.96 18.89 0.50
C LEU E 16 17.01 19.98 0.01
N LEU E 17 17.05 20.33 -1.28
CA LEU E 17 16.14 21.43 -1.58
C LEU E 17 16.02 20.59 -2.84
N PRO E 18 14.85 20.17 -3.24
CA PRO E 18 13.41 20.05 -3.49
C PRO E 18 12.79 19.54 -2.21
N ALA E 19 12.03 20.37 -1.50
CA ALA E 19 11.65 20.01 -0.14
C ALA E 19 10.45 20.84 0.27
N THR E 20 9.88 20.48 1.42
CA THR E 20 8.75 21.18 1.99
C THR E 20 9.08 21.62 3.40
N GLY E 21 8.92 22.90 3.68
CA GLY E 21 9.05 23.43 5.02
C GLY E 21 7.70 23.64 5.67
N ASN E 22 7.73 23.93 6.96
CA ASN E 22 6.52 24.16 7.74
C ASN E 22 6.79 25.25 8.75
N VAL E 23 6.01 26.32 8.68
CA VAL E 23 6.03 27.37 9.69
C VAL E 23 4.72 27.32 10.45
N ALA E 24 4.78 27.65 11.74
CA ALA E 24 3.56 27.85 12.49
C ALA E 24 2.87 29.14 12.02
N GLU E 25 1.60 29.28 12.39
CA GLU E 25 0.80 30.41 11.95
C GLU E 25 1.34 31.73 12.47
N ASN E 26 1.28 31.96 13.79
CA ASN E 26 1.73 33.23 14.35
C ASN E 26 3.10 32.70 14.75
N SER E 27 4.05 32.84 13.82
CA SER E 27 5.43 32.54 14.12
C SER E 27 6.20 33.81 14.47
N PRO E 28 7.19 33.70 15.36
CA PRO E 28 7.97 34.88 15.74
C PRO E 28 8.91 35.29 14.61
N PRO E 29 9.31 36.55 14.56
CA PRO E 29 10.33 36.96 13.59
C PRO E 29 11.68 36.37 13.94
N GLY E 30 12.11 35.37 13.17
CA GLY E 30 13.36 34.71 13.44
C GLY E 30 13.23 33.22 13.57
N THR E 31 12.04 32.69 13.31
CA THR E 31 11.82 31.26 13.46
C THR E 31 12.42 30.51 12.28
N SER E 32 12.54 29.20 12.43
CA SER E 32 13.18 28.35 11.44
C SER E 32 12.14 27.64 10.58
N VAL E 33 12.45 27.58 9.23
CA VAL E 33 11.51 26.91 8.35
C VAL E 33 12.01 25.85 7.39
N HIS E 34 13.34 25.80 7.21
CA HIS E 34 14.02 24.65 6.63
C HIS E 34 15.52 24.85 6.71
N LYS E 35 16.22 23.75 6.92
CA LYS E 35 17.68 23.73 6.99
C LYS E 35 18.22 22.94 5.81
N PHE E 36 19.01 23.59 4.97
CA PHE E 36 19.58 22.97 3.79
C PHE E 36 21.09 23.20 3.75
N SER E 37 21.72 22.72 2.69
CA SER E 37 23.16 22.78 2.54
C SER E 37 23.50 23.02 1.08
N VAL E 38 24.79 23.04 0.77
CA VAL E 38 25.25 23.16 -0.61
C VAL E 38 26.56 22.40 -0.76
N LYS E 39 26.60 21.47 -1.71
CA LYS E 39 27.81 20.76 -2.07
C LYS E 39 28.56 21.60 -3.09
N LEU E 40 29.88 21.71 -2.94
CA LEU E 40 30.67 22.76 -3.57
C LEU E 40 31.35 22.32 -4.86
N SER E 41 30.69 21.45 -5.64
CA SER E 41 30.95 21.25 -7.07
C SER E 41 32.32 20.69 -7.40
N ALA E 42 32.99 20.07 -6.42
CA ALA E 42 34.27 19.36 -6.53
C ALA E 42 35.43 20.26 -6.98
N SER E 43 35.26 21.57 -7.01
CA SER E 43 36.33 22.50 -7.26
C SER E 43 36.69 23.31 -6.02
N LEU E 44 35.89 23.19 -4.96
CA LEU E 44 36.08 23.88 -3.68
C LEU E 44 36.07 25.40 -3.83
N SER E 45 35.30 25.90 -4.80
CA SER E 45 35.08 27.33 -4.94
C SER E 45 33.89 27.73 -4.09
N PRO E 46 34.06 28.62 -3.12
CA PRO E 46 33.01 28.85 -2.13
C PRO E 46 31.88 29.72 -2.69
N VAL E 47 30.85 29.86 -1.88
CA VAL E 47 29.67 30.61 -2.27
C VAL E 47 29.97 32.10 -2.16
N ILE E 48 29.44 32.87 -3.11
CA ILE E 48 29.49 34.34 -3.04
C ILE E 48 28.69 34.80 -1.82
N PRO E 49 29.23 35.69 -0.98
CA PRO E 49 28.65 35.91 0.36
C PRO E 49 27.28 36.55 0.36
N GLY E 50 26.82 37.14 -0.73
CA GLY E 50 25.44 37.54 -0.77
C GLY E 50 24.46 36.41 -1.03
N PHE E 51 24.96 35.22 -1.35
CA PHE E 51 24.19 34.10 -1.86
C PHE E 51 24.32 32.90 -0.92
N PRO E 52 23.33 31.97 -0.91
CA PRO E 52 22.05 31.86 -1.61
C PRO E 52 20.99 32.85 -1.17
N GLN E 53 20.22 33.30 -2.15
CA GLN E 53 19.18 34.30 -2.02
C GLN E 53 17.83 33.63 -2.24
N ILE E 54 16.79 34.45 -2.27
CA ILE E 54 15.48 34.04 -2.77
C ILE E 54 15.14 35.02 -3.89
N VAL E 55 15.18 34.53 -5.13
CA VAL E 55 14.86 35.38 -6.27
C VAL E 55 13.35 35.61 -6.36
N ASN E 56 12.59 34.53 -6.45
CA ASN E 56 11.16 34.61 -6.63
C ASN E 56 10.45 33.82 -5.53
N SER E 57 9.20 34.20 -5.30
CA SER E 57 8.25 33.41 -4.54
C SER E 57 7.03 33.16 -5.43
N ASN E 58 6.16 32.25 -5.00
CA ASN E 58 5.09 31.89 -5.90
C ASN E 58 3.99 32.95 -5.93
N PRO E 59 3.34 33.38 -4.80
CA PRO E 59 2.46 34.54 -4.95
C PRO E 59 2.97 35.98 -4.96
N LEU E 60 3.89 36.23 -4.02
CA LEU E 60 5.07 37.09 -3.89
C LEU E 60 5.24 37.05 -2.38
N THR E 61 6.44 37.28 -1.85
CA THR E 61 6.58 37.12 -0.41
C THR E 61 7.90 37.75 0.03
N GLU E 62 7.83 38.43 1.16
CA GLU E 62 8.97 38.72 2.00
C GLU E 62 8.87 37.84 3.25
N ALA E 63 9.77 38.09 4.21
CA ALA E 63 9.85 37.37 5.49
C ALA E 63 10.05 35.87 5.31
N PHE E 64 11.00 35.50 4.45
CA PHE E 64 11.56 34.16 4.43
C PHE E 64 13.07 34.05 4.47
N ARG E 65 13.76 35.14 4.82
CA ARG E 65 15.15 35.43 4.53
C ARG E 65 16.06 34.25 4.83
N VAL E 66 16.91 33.90 3.86
CA VAL E 66 17.85 32.80 4.02
C VAL E 66 19.01 33.24 4.90
N ASN E 67 19.23 32.53 6.00
CA ASN E 67 20.33 32.82 6.90
C ASN E 67 21.45 31.80 6.72
N TRP E 68 22.61 32.14 7.26
CA TRP E 68 23.80 31.32 7.14
C TRP E 68 24.15 30.75 8.52
N LEU E 69 23.97 29.45 8.67
CA LEU E 69 24.41 28.78 9.88
C LEU E 69 25.92 28.55 9.83
N SER E 70 26.44 27.93 10.89
CA SER E 70 27.88 27.73 11.02
C SER E 70 28.35 26.69 10.02
N GLY E 71 29.07 27.14 8.99
CA GLY E 71 29.62 26.25 7.99
C GLY E 71 29.10 26.58 6.60
N THR E 72 29.00 25.54 5.78
CA THR E 72 28.35 25.63 4.47
C THR E 72 26.87 25.28 4.54
N TYR E 73 26.29 25.30 5.74
CA TYR E 73 24.90 24.98 5.97
C TYR E 73 24.11 26.27 6.14
N PHE E 74 22.95 26.34 5.50
CA PHE E 74 22.11 27.52 5.52
C PHE E 74 20.75 27.16 6.09
N GLU E 75 19.87 28.16 6.14
CA GLU E 75 18.60 28.03 6.82
C GLU E 75 17.67 29.15 6.34
N VAL E 76 16.41 28.81 6.12
CA VAL E 76 15.39 29.76 5.72
C VAL E 76 14.65 30.21 6.98
N VAL E 77 14.60 31.52 7.20
CA VAL E 77 14.16 32.11 8.45
C VAL E 77 13.18 33.24 8.14
N THR E 78 12.01 33.21 8.77
CA THR E 78 11.05 34.30 8.64
C THR E 78 11.57 35.53 9.37
N THR E 79 11.77 36.63 8.65
CA THR E 79 12.28 37.83 9.29
C THR E 79 11.18 38.67 9.93
N GLY E 80 9.92 38.34 9.69
CA GLY E 80 8.84 39.07 10.33
C GLY E 80 8.47 40.37 9.66
N MET E 81 8.94 40.60 8.43
CA MET E 81 8.49 41.75 7.67
C MET E 81 7.08 41.55 7.12
N GLU E 82 6.62 40.31 7.05
CA GLU E 82 5.27 39.97 6.64
C GLU E 82 4.75 38.89 7.57
N GLN E 83 3.53 39.06 8.07
CA GLN E 83 2.97 38.13 9.03
C GLN E 83 2.24 36.99 8.35
N LEU E 84 2.46 35.78 8.85
CA LEU E 84 1.74 34.60 8.39
C LEU E 84 0.43 34.52 9.15
N ASP E 85 -0.68 34.45 8.42
CA ASP E 85 -2.00 34.73 8.97
C ASP E 85 -2.48 33.59 8.06
N PHE E 86 -2.81 32.43 8.64
CA PHE E 86 -3.51 31.29 8.03
C PHE E 86 -5.03 31.41 7.85
N GLU E 87 -5.71 32.10 8.77
CA GLU E 87 -7.14 32.35 8.61
C GLU E 87 -7.44 33.23 7.41
N THR E 88 -6.50 34.05 6.95
CA THR E 88 -6.54 34.62 5.62
C THR E 88 -5.37 34.06 4.81
N GLY E 89 -5.22 34.54 3.58
CA GLY E 89 -4.23 33.98 2.69
C GLY E 89 -2.94 34.78 2.68
N PRO E 90 -1.92 34.28 1.96
CA PRO E 90 -1.85 32.94 1.38
C PRO E 90 -1.14 31.97 2.32
N ASN E 91 -1.43 30.67 2.18
CA ASN E 91 -0.94 29.69 3.14
C ASN E 91 0.16 28.80 2.60
N ILE E 92 0.46 28.85 1.31
CA ILE E 92 1.53 28.04 0.75
C ILE E 92 2.35 28.90 -0.20
N PHE E 93 3.66 28.90 0.01
CA PHE E 93 4.58 29.67 -0.81
C PHE E 93 5.57 28.70 -1.44
N ASP E 94 6.10 29.09 -2.59
CA ASP E 94 7.14 28.32 -3.27
C ASP E 94 8.29 29.29 -3.54
N LEU E 95 9.15 29.46 -2.54
CA LEU E 95 10.37 30.23 -2.73
C LEU E 95 11.38 29.41 -3.51
N GLN E 96 12.19 30.09 -4.31
CA GLN E 96 13.25 29.42 -5.04
C GLN E 96 14.60 29.99 -4.62
N ILE E 97 15.52 29.11 -4.26
CA ILE E 97 16.76 29.45 -3.60
C ILE E 97 17.90 29.29 -4.59
N TYR E 98 18.84 30.24 -4.59
CA TYR E 98 19.66 30.56 -5.75
C TYR E 98 20.96 30.62 -4.93
N VAL E 99 21.71 29.52 -4.90
CA VAL E 99 23.14 29.43 -4.64
C VAL E 99 23.94 29.70 -5.92
N LYS E 100 25.13 30.30 -5.75
CA LYS E 100 26.00 30.70 -6.85
C LYS E 100 27.38 30.96 -6.29
N ASP E 101 28.40 30.32 -6.87
CA ASP E 101 29.72 30.30 -6.27
C ASP E 101 30.66 31.31 -6.94
N GLU E 102 31.94 31.24 -6.56
CA GLU E 102 32.91 32.28 -6.90
C GLU E 102 33.23 32.29 -8.39
N VAL E 103 33.51 31.11 -8.96
CA VAL E 103 33.66 31.01 -10.41
C VAL E 103 32.32 31.27 -11.09
N GLY E 104 31.25 30.73 -10.52
CA GLY E 104 29.91 30.96 -10.99
C GLY E 104 29.37 29.77 -11.76
N VAL E 105 28.67 28.90 -11.05
CA VAL E 105 27.82 27.88 -11.64
C VAL E 105 26.59 27.80 -10.75
N THR E 106 25.50 28.41 -11.20
CA THR E 106 24.35 28.63 -10.34
C THR E 106 23.53 27.35 -10.19
N ASP E 107 22.71 27.34 -9.14
CA ASP E 107 21.73 26.28 -8.93
C ASP E 107 20.49 26.89 -8.28
N LEU E 108 19.35 26.78 -8.95
CA LEU E 108 18.09 27.31 -8.47
C LEU E 108 17.22 26.14 -8.02
N GLN E 109 16.77 26.19 -6.77
CA GLN E 109 15.99 25.10 -6.22
C GLN E 109 14.87 25.64 -5.35
N VAL E 110 13.76 24.92 -5.32
CA VAL E 110 12.50 25.41 -4.78
C VAL E 110 12.31 24.89 -3.36
N LEU E 111 11.89 25.77 -2.46
CA LEU E 111 11.43 25.37 -1.13
C LEU E 111 9.96 25.71 -1.02
N THR E 112 9.11 24.67 -0.97
CA THR E 112 7.68 24.86 -0.82
C THR E 112 7.37 25.05 0.67
N VAL E 113 6.92 26.22 1.04
CA VAL E 113 6.70 26.56 2.44
C VAL E 113 5.21 26.57 2.70
N GLN E 114 4.77 25.75 3.65
CA GLN E 114 3.38 25.73 4.08
C GLN E 114 3.22 26.46 5.42
N VAL E 115 1.99 26.86 5.69
CA VAL E 115 1.64 27.57 6.92
C VAL E 115 0.63 26.71 7.67
N THR E 116 0.95 26.35 8.91
CA THR E 116 0.05 25.54 9.70
C THR E 116 -1.01 26.41 10.37
N ASP E 117 -1.94 25.79 11.09
CA ASP E 117 -3.03 26.49 11.73
C ASP E 117 -2.90 26.36 13.25
N VAL E 118 -2.54 27.48 13.90
CA VAL E 118 -2.36 27.51 15.38
C VAL E 118 -3.73 27.79 16.03
N ASN E 119 -4.35 26.76 16.61
CA ASN E 119 -5.67 26.90 17.27
C ASN E 119 -5.86 25.76 18.28
#